data_9IVC
#
_entry.id   9IVC
#
_cell.length_a   1.00
_cell.length_b   1.00
_cell.length_c   1.00
_cell.angle_alpha   90.00
_cell.angle_beta   90.00
_cell.angle_gamma   90.00
#
_symmetry.space_group_name_H-M   'P 1'
#
loop_
_entity.id
_entity.type
_entity.pdbx_description
1 polymer 'Inositol phosphorylceramide synthase catalytic subunit AUR1'
2 polymer 'Inositol phosphorylceramide synthase regulatory subunit KEI1'
3 polymer 'Aureobasidin A'
#
loop_
_entity_poly.entity_id
_entity_poly.type
_entity_poly.pdbx_seq_one_letter_code
_entity_poly.pdbx_strand_id
1 'polypeptide(L)'
;MASGHSAWSHPQFEKGGGSGGGSGGSAWSHPQFEKVGSDEVDAGSSGRMANPFSRWFLSERPPNCHVADLETSLDPHQTL
LKVQKYKPALSDWVHYIFLGSIMLFVFITNPAPWIFKILFYCFLGTLFIIPATSQFFFNALPILTWVALYFTSSYFPDDR
RPPITVKVLPAVETILYGDNLSDILATSTNSFLDILAWLPYGLFHFGAPFVVAAILFVFGPPTVLQGYAFAFGYMNLFGV
IMQNVFPAAPPWYKILYGLQSANYDMHGSPGGLARIDKLLGINMYTTAFSNSSVIFGAFPSLHSGCATMEALFFCYCFPK
LKPLFIAYVCWLWWSTMYLTHHYFVDLMAGSVLSYVIFQYTKYTHLPIVDTSLFCRWSYTSIEKYDISKSDPLAADSNDI
ESVPLSNLELDFDLNMTDEPSVSPSLFDGSTSVSRSSATSITSLGVKRA
;
A,C
2 'polypeptide(L)'
;MADYKDDDDKSGPDEVDASGRMRSSLLTLPKSFLGFMPLYLAVEIVLGISILNKCSGAYGILALFTGHPLDFMQWIAYLW
SVFTLIVFSQGLYLIHKPNLLVFSQICVLYTIDTISTCFFTLWFTTQWFTLEDTANIDGNNALQSNPISTGKLTERGIDI
SKQSATESYEYTMTILITLVSLIFRFYFNFILASFVQELLHHPKYLVDRDDVEQNLKNKPIWKRLWAKSQKGCYKLCKNL
LE
;
B,D
3 'polypeptide(L)' (IIL)(MVA)L(A1L3I)(A1L3J)(MVA)F(MEA)P E,F
#
loop_
_chem_comp.id
_chem_comp.type
_chem_comp.name
_chem_comp.formula
A1L3J non-polymer '(2~{R},3~{R})-3-methyl-2-oxidanyl-pentanoic acid' 'C6 H12 O3'
#
# COMPACT_ATOMS: atom_id res chain seq x y z
N ASN A 64 -4.19 34.97 -22.86
CA ASN A 64 -4.43 33.66 -22.26
C ASN A 64 -4.75 33.80 -20.77
N CYS A 65 -5.77 33.08 -20.32
CA CYS A 65 -6.26 33.14 -18.95
C CYS A 65 -6.06 31.82 -18.23
N HIS A 66 -4.86 31.25 -18.38
CA HIS A 66 -4.50 29.92 -17.90
C HIS A 66 -5.06 29.57 -16.53
N VAL A 67 -5.00 30.50 -15.59
CA VAL A 67 -5.41 30.25 -14.22
C VAL A 67 -6.88 29.86 -14.18
N ALA A 68 -7.70 30.58 -14.94
CA ALA A 68 -9.14 30.38 -14.89
C ALA A 68 -9.53 29.04 -15.52
N ASP A 69 -8.94 28.72 -16.66
CA ASP A 69 -9.43 27.60 -17.45
C ASP A 69 -9.00 26.26 -16.87
N LEU A 70 -9.84 25.24 -17.10
CA LEU A 70 -9.56 23.88 -16.69
C LEU A 70 -8.57 23.27 -17.67
N GLU A 71 -8.38 21.95 -17.60
CA GLU A 71 -7.43 21.26 -18.47
C GLU A 71 -8.17 20.81 -19.72
N THR A 72 -7.62 21.13 -20.90
CA THR A 72 -8.24 20.77 -22.17
C THR A 72 -7.37 19.87 -23.02
N SER A 73 -6.34 19.25 -22.45
CA SER A 73 -5.53 18.28 -23.17
C SER A 73 -5.98 16.86 -22.80
N LEU A 74 -5.69 15.92 -23.69
CA LEU A 74 -6.35 14.62 -23.63
C LEU A 74 -5.35 13.50 -23.92
N ASP A 75 -4.05 13.77 -23.75
CA ASP A 75 -3.02 12.82 -24.09
C ASP A 75 -2.26 12.38 -22.84
N PRO A 76 -2.20 11.07 -22.55
CA PRO A 76 -1.51 10.63 -21.32
C PRO A 76 -0.02 10.94 -21.29
N HIS A 77 0.60 11.17 -22.45
CA HIS A 77 2.03 11.47 -22.47
C HIS A 77 2.34 12.69 -21.63
N GLN A 78 1.46 13.70 -21.66
CA GLN A 78 1.67 14.90 -20.87
C GLN A 78 1.67 14.58 -19.38
N THR A 79 0.74 13.73 -18.95
CA THR A 79 0.69 13.33 -17.54
C THR A 79 1.96 12.60 -17.15
N LEU A 80 2.42 11.68 -17.99
CA LEU A 80 3.62 10.93 -17.65
C LEU A 80 4.84 11.83 -17.61
N LEU A 81 4.90 12.83 -18.48
CA LEU A 81 6.07 13.72 -18.45
C LEU A 81 6.01 14.65 -17.24
N LYS A 82 4.80 15.00 -16.81
CA LYS A 82 4.67 15.72 -15.55
C LYS A 82 5.19 14.90 -14.39
N VAL A 83 4.87 13.60 -14.36
CA VAL A 83 5.39 12.75 -13.28
C VAL A 83 6.90 12.62 -13.38
N GLN A 84 7.46 12.54 -14.59
CA GLN A 84 8.90 12.73 -14.78
C GLN A 84 9.41 13.99 -14.13
N LYS A 85 8.67 15.10 -14.26
CA LYS A 85 9.16 16.40 -13.84
C LYS A 85 8.97 16.65 -12.36
N TYR A 86 7.91 16.11 -11.77
CA TYR A 86 7.48 16.48 -10.43
C TYR A 86 8.48 15.99 -9.39
N LYS A 87 8.69 16.81 -8.37
CA LYS A 87 9.60 16.52 -7.27
C LYS A 87 8.78 16.57 -5.99
N PRO A 88 8.86 15.50 -5.19
CA PRO A 88 8.15 15.28 -3.92
C PRO A 88 8.96 15.63 -2.70
N ALA A 89 8.30 15.62 -1.55
CA ALA A 89 8.95 15.64 -0.24
C ALA A 89 8.34 14.53 0.61
N LEU A 90 8.86 14.39 1.84
CA LEU A 90 8.34 13.35 2.73
C LEU A 90 6.84 13.46 2.89
N SER A 91 6.31 14.68 2.91
CA SER A 91 4.86 14.84 2.91
C SER A 91 4.24 14.06 1.77
N ASP A 92 4.77 14.22 0.56
CA ASP A 92 4.19 13.57 -0.61
C ASP A 92 4.50 12.09 -0.62
N TRP A 93 5.69 11.70 -0.16
CA TRP A 93 6.03 10.29 -0.09
C TRP A 93 5.04 9.55 0.80
N VAL A 94 4.83 10.03 2.02
CA VAL A 94 3.91 9.36 2.92
C VAL A 94 2.48 9.46 2.41
N HIS A 95 2.13 10.61 1.84
CA HIS A 95 0.81 10.79 1.23
C HIS A 95 0.50 9.66 0.26
N TYR A 96 1.33 9.54 -0.78
CA TYR A 96 1.02 8.60 -1.85
C TYR A 96 1.22 7.16 -1.40
N ILE A 97 2.21 6.90 -0.56
CA ILE A 97 2.42 5.54 -0.07
C ILE A 97 1.20 5.09 0.71
N PHE A 98 0.73 5.94 1.62
CA PHE A 98 -0.43 5.61 2.44
C PHE A 98 -1.68 5.41 1.59
N LEU A 99 -1.91 6.31 0.63
CA LEU A 99 -3.13 6.23 -0.16
C LEU A 99 -3.11 5.02 -1.08
N GLY A 100 -1.98 4.76 -1.75
CA GLY A 100 -1.87 3.57 -2.57
C GLY A 100 -1.95 2.29 -1.75
N SER A 101 -1.40 2.32 -0.54
CA SER A 101 -1.52 1.19 0.37
C SER A 101 -2.98 0.86 0.64
N ILE A 102 -3.77 1.87 1.00
CA ILE A 102 -5.18 1.62 1.27
C ILE A 102 -5.89 1.15 0.01
N MET A 103 -5.55 1.75 -1.13
CA MET A 103 -6.20 1.38 -2.39
C MET A 103 -5.97 -0.09 -2.72
N LEU A 104 -4.72 -0.56 -2.65
CA LEU A 104 -4.45 -1.93 -3.03
C LEU A 104 -4.88 -2.92 -1.95
N PHE A 105 -4.87 -2.50 -0.69
CA PHE A 105 -5.47 -3.32 0.36
C PHE A 105 -6.94 -3.55 0.07
N VAL A 106 -7.66 -2.52 -0.35
CA VAL A 106 -9.05 -2.67 -0.74
C VAL A 106 -9.18 -3.56 -1.97
N PHE A 107 -8.23 -3.41 -2.91
CA PHE A 107 -8.22 -4.28 -4.09
C PHE A 107 -8.18 -5.74 -3.70
N ILE A 108 -7.24 -6.12 -2.85
CA ILE A 108 -7.09 -7.53 -2.49
C ILE A 108 -8.27 -7.99 -1.65
N THR A 109 -8.69 -7.18 -0.67
CA THR A 109 -9.84 -7.47 0.17
C THR A 109 -11.07 -7.04 -0.64
N ASN A 110 -12.22 -6.82 -0.01
CA ASN A 110 -13.44 -6.40 -0.67
C ASN A 110 -13.94 -7.50 -1.62
N PRO A 111 -14.52 -8.56 -1.09
CA PRO A 111 -14.95 -9.67 -1.94
C PRO A 111 -15.91 -9.21 -3.03
N ALA A 112 -15.45 -9.31 -4.25
CA ALA A 112 -16.21 -8.98 -5.45
C ALA A 112 -15.57 -9.74 -6.60
N PRO A 113 -16.29 -10.05 -7.67
CA PRO A 113 -15.68 -10.79 -8.77
C PRO A 113 -14.41 -10.11 -9.27
N TRP A 114 -13.36 -10.89 -9.49
CA TRP A 114 -12.06 -10.34 -9.79
C TRP A 114 -12.10 -9.55 -11.09
N ILE A 115 -12.95 -9.98 -12.04
CA ILE A 115 -13.05 -9.27 -13.30
C ILE A 115 -13.72 -7.92 -13.10
N PHE A 116 -14.76 -7.87 -12.26
CA PHE A 116 -15.40 -6.60 -11.93
C PHE A 116 -14.38 -5.64 -11.34
N LYS A 117 -13.57 -6.13 -10.41
CA LYS A 117 -12.63 -5.29 -9.69
C LYS A 117 -11.49 -4.83 -10.61
N ILE A 118 -11.00 -5.73 -11.46
CA ILE A 118 -9.97 -5.34 -12.42
C ILE A 118 -10.49 -4.29 -13.38
N LEU A 119 -11.72 -4.47 -13.90
CA LEU A 119 -12.29 -3.46 -14.78
C LEU A 119 -12.44 -2.13 -14.06
N PHE A 120 -12.91 -2.16 -12.81
CA PHE A 120 -13.09 -0.92 -12.07
C PHE A 120 -11.76 -0.20 -11.90
N TYR A 121 -10.72 -0.92 -11.48
CA TYR A 121 -9.45 -0.27 -11.23
C TYR A 121 -8.78 0.16 -12.53
N CYS A 122 -8.97 -0.59 -13.61
CA CYS A 122 -8.40 -0.18 -14.89
C CYS A 122 -9.07 1.08 -15.42
N PHE A 123 -10.40 1.15 -15.30
CA PHE A 123 -11.09 2.38 -15.68
C PHE A 123 -10.66 3.53 -14.77
N LEU A 124 -10.47 3.25 -13.48
CA LEU A 124 -10.03 4.28 -12.56
C LEU A 124 -8.65 4.80 -12.93
N GLY A 125 -7.75 3.89 -13.33
CA GLY A 125 -6.43 4.31 -13.77
C GLY A 125 -6.45 5.13 -15.03
N THR A 126 -7.20 4.69 -16.04
CA THR A 126 -7.25 5.44 -17.29
C THR A 126 -8.04 6.73 -17.11
N LEU A 127 -8.79 6.83 -16.02
CA LEU A 127 -9.44 8.09 -15.67
C LEU A 127 -8.46 9.00 -14.94
N PHE A 128 -7.54 8.38 -14.20
CA PHE A 128 -6.52 9.13 -13.46
C PHE A 128 -5.46 9.69 -14.39
N ILE A 129 -5.26 9.05 -15.55
CA ILE A 129 -4.07 9.35 -16.34
C ILE A 129 -4.34 10.34 -17.47
N ILE A 130 -5.59 10.60 -17.82
CA ILE A 130 -5.91 11.51 -18.91
C ILE A 130 -6.12 12.93 -18.38
N PRO A 131 -5.34 13.92 -18.82
CA PRO A 131 -5.19 15.18 -18.10
C PRO A 131 -6.42 15.84 -17.49
N ALA A 132 -7.52 16.01 -18.22
CA ALA A 132 -8.67 16.72 -17.64
C ALA A 132 -9.35 15.89 -16.56
N THR A 133 -9.84 14.73 -16.93
CA THR A 133 -10.35 13.83 -15.92
C THR A 133 -9.26 13.44 -14.93
N SER A 134 -7.99 13.54 -15.35
CA SER A 134 -6.89 13.29 -14.42
C SER A 134 -6.91 14.29 -13.28
N GLN A 135 -6.95 15.58 -13.59
CA GLN A 135 -6.93 16.55 -12.51
C GLN A 135 -8.15 16.37 -11.62
N PHE A 136 -9.33 16.20 -12.22
CA PHE A 136 -10.50 16.02 -11.37
C PHE A 136 -10.33 14.82 -10.43
N PHE A 137 -10.21 13.62 -10.99
CA PHE A 137 -10.25 12.43 -10.15
C PHE A 137 -8.96 12.21 -9.34
N PHE A 138 -7.81 12.63 -9.85
CA PHE A 138 -6.59 12.53 -9.06
C PHE A 138 -6.67 13.42 -7.83
N ASN A 139 -7.23 14.63 -7.95
CA ASN A 139 -7.45 15.39 -6.73
C ASN A 139 -8.51 14.74 -5.88
N ALA A 140 -9.51 14.10 -6.49
CA ALA A 140 -10.57 13.46 -5.73
C ALA A 140 -10.09 12.21 -4.99
N LEU A 141 -8.88 11.74 -5.31
CA LEU A 141 -8.31 10.50 -4.77
C LEU A 141 -8.66 10.19 -3.31
N PRO A 142 -8.44 11.10 -2.36
CA PRO A 142 -8.77 10.75 -0.96
C PRO A 142 -10.23 10.41 -0.73
N ILE A 143 -11.15 11.05 -1.47
CA ILE A 143 -12.56 10.70 -1.37
C ILE A 143 -12.79 9.27 -1.81
N LEU A 144 -12.17 8.88 -2.91
CA LEU A 144 -12.28 7.50 -3.38
C LEU A 144 -11.71 6.54 -2.35
N THR A 145 -10.59 6.89 -1.73
CA THR A 145 -10.01 6.03 -0.71
C THR A 145 -10.95 5.87 0.46
N TRP A 146 -11.55 6.98 0.90
CA TRP A 146 -12.57 6.92 1.94
C TRP A 146 -13.70 5.97 1.60
N VAL A 147 -14.29 6.13 0.41
CA VAL A 147 -15.45 5.32 0.04
C VAL A 147 -15.08 3.85 -0.02
N ALA A 148 -13.97 3.56 -0.70
CA ALA A 148 -13.54 2.17 -0.85
C ALA A 148 -13.23 1.54 0.49
N LEU A 149 -12.53 2.26 1.36
CA LEU A 149 -12.19 1.69 2.65
C LEU A 149 -13.43 1.51 3.50
N TYR A 150 -14.40 2.41 3.39
CA TYR A 150 -15.63 2.26 4.16
C TYR A 150 -16.35 0.97 3.78
N PHE A 151 -16.54 0.74 2.49
CA PHE A 151 -17.28 -0.46 2.11
C PHE A 151 -16.46 -1.73 2.37
N THR A 152 -15.16 -1.70 2.09
CA THR A 152 -14.32 -2.83 2.44
C THR A 152 -14.39 -3.13 3.93
N SER A 153 -14.38 -2.09 4.78
CA SER A 153 -14.50 -2.29 6.21
C SER A 153 -15.85 -2.88 6.56
N SER A 154 -16.88 -2.53 5.80
CA SER A 154 -18.13 -3.25 5.94
C SER A 154 -17.93 -4.73 5.69
N TYR A 155 -16.91 -5.09 4.90
CA TYR A 155 -16.60 -6.51 4.68
C TYR A 155 -15.40 -7.03 5.48
N PHE A 156 -15.09 -6.45 6.64
CA PHE A 156 -14.10 -7.05 7.55
C PHE A 156 -14.72 -8.21 8.31
N PRO A 157 -13.92 -9.13 8.86
CA PRO A 157 -14.52 -10.26 9.59
C PRO A 157 -14.92 -9.91 11.01
N ASP A 158 -15.89 -10.64 11.54
CA ASP A 158 -16.60 -10.25 12.75
C ASP A 158 -15.73 -10.22 14.00
N ASP A 159 -14.84 -11.20 14.15
CA ASP A 159 -14.08 -11.35 15.37
C ASP A 159 -12.60 -10.97 15.22
N ARG A 160 -12.30 -10.09 14.28
CA ARG A 160 -10.97 -9.53 14.13
C ARG A 160 -10.97 -8.02 14.36
N ARG A 161 -12.02 -7.51 15.00
CA ARG A 161 -12.16 -6.09 15.25
C ARG A 161 -12.49 -5.88 16.73
N PRO A 162 -12.11 -4.73 17.30
CA PRO A 162 -12.07 -4.60 18.76
C PRO A 162 -13.45 -4.73 19.38
N PRO A 163 -13.51 -4.92 20.69
CA PRO A 163 -14.82 -5.06 21.35
C PRO A 163 -15.51 -3.72 21.55
N ILE A 164 -16.82 -3.77 21.76
CA ILE A 164 -17.65 -2.56 21.77
C ILE A 164 -17.64 -1.91 23.15
N THR A 165 -17.35 -0.62 23.18
CA THR A 165 -17.31 0.16 24.41
C THR A 165 -18.64 0.90 24.56
N VAL A 166 -19.50 0.42 25.45
CA VAL A 166 -20.83 0.99 25.60
C VAL A 166 -20.88 1.92 26.80
N LYS A 167 -19.71 2.24 27.35
CA LYS A 167 -19.68 2.95 28.63
C LYS A 167 -18.68 4.10 28.60
N VAL A 168 -17.89 4.21 27.54
CA VAL A 168 -16.83 5.20 27.54
C VAL A 168 -17.37 6.56 27.13
N LEU A 169 -18.16 6.61 26.06
CA LEU A 169 -18.71 7.89 25.60
C LEU A 169 -19.61 8.55 26.63
N PRO A 170 -20.56 7.86 27.26
CA PRO A 170 -21.35 8.53 28.30
C PRO A 170 -20.45 9.02 29.42
N ALA A 171 -19.38 8.27 29.70
CA ALA A 171 -18.46 8.68 30.76
C ALA A 171 -17.79 9.99 30.42
N VAL A 172 -17.19 10.07 29.25
CA VAL A 172 -16.50 11.29 28.87
C VAL A 172 -17.49 12.45 28.79
N GLU A 173 -18.70 12.18 28.32
CA GLU A 173 -19.66 13.27 28.15
C GLU A 173 -20.14 13.80 29.49
N THR A 174 -20.57 12.91 30.39
CA THR A 174 -21.03 13.36 31.69
C THR A 174 -19.89 13.97 32.49
N ILE A 175 -18.65 13.59 32.18
CA ILE A 175 -17.54 14.12 32.96
C ILE A 175 -17.12 15.50 32.47
N LEU A 176 -17.08 15.71 31.15
CA LEU A 176 -16.54 16.95 30.60
C LEU A 176 -17.60 17.96 30.22
N TYR A 177 -18.86 17.56 30.06
CA TYR A 177 -19.90 18.46 29.57
C TYR A 177 -21.13 18.45 30.45
N GLY A 178 -21.01 18.03 31.70
CA GLY A 178 -22.17 18.10 32.55
C GLY A 178 -23.05 16.88 32.47
N ASP A 179 -24.09 16.97 31.66
CA ASP A 179 -25.09 15.92 31.57
C ASP A 179 -25.08 15.27 30.19
N ASN A 180 -25.89 14.24 30.05
CA ASN A 180 -26.07 13.56 28.76
C ASN A 180 -26.88 14.45 27.85
N LEU A 181 -26.20 15.26 27.03
CA LEU A 181 -26.90 16.30 26.28
C LEU A 181 -27.88 15.73 25.28
N SER A 182 -27.62 14.53 24.76
CA SER A 182 -28.60 13.93 23.86
C SER A 182 -29.93 13.69 24.56
N ASP A 183 -29.88 13.17 25.79
CA ASP A 183 -31.11 13.03 26.55
C ASP A 183 -31.74 14.38 26.83
N ILE A 184 -30.92 15.38 27.13
CA ILE A 184 -31.42 16.74 27.37
C ILE A 184 -32.23 17.25 26.19
N LEU A 185 -31.69 17.14 24.98
CA LEU A 185 -32.40 17.65 23.82
C LEU A 185 -33.52 16.72 23.37
N ALA A 186 -33.52 15.47 23.80
CA ALA A 186 -34.60 14.56 23.42
C ALA A 186 -35.64 14.37 24.51
N THR A 187 -35.60 15.13 25.60
CA THR A 187 -36.59 14.94 26.67
C THR A 187 -38.01 15.16 26.19
N SER A 188 -38.22 16.13 25.30
CA SER A 188 -39.57 16.43 24.84
C SER A 188 -39.63 16.55 23.34
N THR A 189 -40.41 15.70 22.70
CA THR A 189 -40.43 15.59 21.26
C THR A 189 -41.83 15.82 20.71
N ASN A 190 -41.88 16.29 19.47
CA ASN A 190 -43.14 16.45 18.75
C ASN A 190 -42.91 16.27 17.26
N SER A 191 -43.88 16.68 16.44
CA SER A 191 -43.78 16.52 14.99
C SER A 191 -42.98 17.62 14.31
N PHE A 192 -43.20 18.88 14.70
CA PHE A 192 -42.46 19.98 14.11
C PHE A 192 -40.96 19.81 14.34
N LEU A 193 -40.58 19.45 15.57
CA LEU A 193 -39.17 19.21 15.85
C LEU A 193 -38.66 17.99 15.10
N ASP A 194 -39.50 16.98 14.91
CA ASP A 194 -39.07 15.83 14.15
C ASP A 194 -38.68 16.23 12.74
N ILE A 195 -39.51 17.06 12.10
CA ILE A 195 -39.15 17.57 10.77
C ILE A 195 -37.90 18.44 10.82
N LEU A 196 -37.83 19.32 11.83
CA LEU A 196 -36.71 20.24 11.97
C LEU A 196 -35.40 19.50 12.16
N ALA A 197 -35.44 18.29 12.70
CA ALA A 197 -34.23 17.50 12.82
C ALA A 197 -34.02 16.64 11.59
N TRP A 198 -35.11 16.24 10.92
CA TRP A 198 -34.98 15.40 9.74
C TRP A 198 -34.27 16.10 8.61
N LEU A 199 -34.54 17.41 8.44
CA LEU A 199 -33.91 18.12 7.32
C LEU A 199 -32.39 18.01 7.31
N PRO A 200 -31.66 18.56 8.28
CA PRO A 200 -30.20 18.57 8.16
C PRO A 200 -29.57 17.20 8.30
N TYR A 201 -30.29 16.24 8.87
CA TYR A 201 -29.74 14.90 9.02
C TYR A 201 -29.81 14.14 7.70
N GLY A 202 -31.00 14.04 7.12
CA GLY A 202 -31.21 13.20 5.96
C GLY A 202 -31.24 13.89 4.61
N LEU A 203 -31.32 15.21 4.55
CA LEU A 203 -31.37 15.85 3.24
C LEU A 203 -30.16 16.74 2.97
N PHE A 204 -29.94 17.73 3.83
CA PHE A 204 -28.89 18.69 3.56
C PHE A 204 -27.52 18.07 3.77
N HIS A 205 -27.41 17.09 4.67
CA HIS A 205 -26.16 16.40 4.84
C HIS A 205 -25.71 15.74 3.54
N PHE A 206 -26.65 15.11 2.83
CA PHE A 206 -26.28 14.41 1.61
C PHE A 206 -26.12 15.37 0.44
N GLY A 207 -26.90 16.45 0.42
CA GLY A 207 -26.80 17.37 -0.69
C GLY A 207 -25.68 18.38 -0.55
N ALA A 208 -25.10 18.49 0.64
CA ALA A 208 -24.21 19.61 0.91
C ALA A 208 -22.82 19.46 0.31
N PRO A 209 -22.18 18.29 0.34
CA PRO A 209 -20.84 18.22 -0.28
C PRO A 209 -20.81 18.65 -1.74
N PHE A 210 -21.80 18.25 -2.53
CA PHE A 210 -21.82 18.64 -3.93
C PHE A 210 -22.12 20.13 -4.10
N VAL A 211 -23.03 20.68 -3.31
CA VAL A 211 -23.31 22.11 -3.38
C VAL A 211 -22.08 22.91 -2.98
N VAL A 212 -21.35 22.45 -1.96
CA VAL A 212 -20.12 23.11 -1.57
C VAL A 212 -19.11 23.04 -2.71
N ALA A 213 -19.01 21.90 -3.38
CA ALA A 213 -18.09 21.82 -4.50
C ALA A 213 -18.47 22.82 -5.60
N ALA A 214 -19.75 22.89 -5.94
CA ALA A 214 -20.18 23.79 -7.01
C ALA A 214 -19.94 25.25 -6.64
N ILE A 215 -20.32 25.65 -5.43
CA ILE A 215 -20.18 27.03 -5.02
C ILE A 215 -18.72 27.41 -4.83
N LEU A 216 -17.92 26.53 -4.24
CA LEU A 216 -16.50 26.81 -4.10
C LEU A 216 -15.80 26.85 -5.46
N PHE A 217 -16.33 26.11 -6.44
CA PHE A 217 -15.72 26.12 -7.75
C PHE A 217 -16.02 27.41 -8.50
N VAL A 218 -17.26 27.88 -8.44
CA VAL A 218 -17.61 29.09 -9.17
C VAL A 218 -17.15 30.35 -8.44
N PHE A 219 -17.58 30.53 -7.18
CA PHE A 219 -17.30 31.75 -6.44
C PHE A 219 -15.95 31.73 -5.73
N GLY A 220 -15.43 30.57 -5.39
CA GLY A 220 -14.14 30.49 -4.78
C GLY A 220 -13.04 30.77 -5.78
N PRO A 221 -11.83 30.97 -5.29
CA PRO A 221 -10.69 31.13 -6.18
C PRO A 221 -10.38 29.81 -6.85
N PRO A 222 -9.61 29.82 -7.93
CA PRO A 222 -9.12 28.56 -8.50
C PRO A 222 -8.32 27.77 -7.48
N THR A 223 -8.43 26.44 -7.58
CA THR A 223 -7.69 25.46 -6.78
C THR A 223 -8.20 25.37 -5.34
N VAL A 224 -9.26 26.09 -5.00
CA VAL A 224 -9.83 25.97 -3.67
C VAL A 224 -10.43 24.57 -3.56
N LEU A 225 -11.01 24.10 -4.66
CA LEU A 225 -11.64 22.81 -4.67
C LEU A 225 -10.65 21.67 -4.49
N GLN A 226 -9.40 21.85 -4.93
CA GLN A 226 -8.39 20.85 -4.64
C GLN A 226 -8.19 20.68 -3.15
N GLY A 227 -8.02 21.80 -2.43
CA GLY A 227 -7.89 21.72 -0.98
C GLY A 227 -9.14 21.18 -0.32
N TYR A 228 -10.31 21.51 -0.87
CA TYR A 228 -11.54 20.95 -0.34
C TYR A 228 -11.55 19.43 -0.46
N ALA A 229 -11.17 18.92 -1.63
CA ALA A 229 -11.14 17.47 -1.83
C ALA A 229 -10.14 16.82 -0.89
N PHE A 230 -8.96 17.41 -0.76
CA PHE A 230 -7.93 16.85 0.11
C PHE A 230 -8.41 16.79 1.57
N ALA A 231 -8.91 17.92 2.09
CA ALA A 231 -9.34 17.97 3.48
C ALA A 231 -10.55 17.08 3.73
N PHE A 232 -11.55 17.11 2.85
CA PHE A 232 -12.72 16.26 3.01
C PHE A 232 -12.33 14.79 3.02
N GLY A 233 -11.47 14.39 2.08
CA GLY A 233 -11.08 13.00 2.01
C GLY A 233 -10.34 12.55 3.25
N TYR A 234 -9.36 13.34 3.69
CA TYR A 234 -8.56 12.89 4.83
C TYR A 234 -9.36 12.93 6.12
N MET A 235 -10.24 13.91 6.26
CA MET A 235 -11.15 13.92 7.40
C MET A 235 -11.99 12.66 7.45
N ASN A 236 -12.64 12.30 6.35
CA ASN A 236 -13.49 11.12 6.38
C ASN A 236 -12.65 9.85 6.55
N LEU A 237 -11.44 9.83 6.02
CA LEU A 237 -10.59 8.65 6.15
C LEU A 237 -10.18 8.43 7.59
N PHE A 238 -9.65 9.47 8.25
CA PHE A 238 -9.32 9.33 9.64
C PHE A 238 -10.55 9.03 10.48
N GLY A 239 -11.71 9.54 10.09
CA GLY A 239 -12.93 9.19 10.80
C GLY A 239 -13.24 7.72 10.72
N VAL A 240 -13.13 7.13 9.53
CA VAL A 240 -13.39 5.71 9.38
C VAL A 240 -12.37 4.90 10.15
N ILE A 241 -11.10 5.30 10.10
CA ILE A 241 -10.06 4.56 10.81
C ILE A 241 -10.33 4.59 12.31
N MET A 242 -10.68 5.74 12.86
CA MET A 242 -10.95 5.83 14.29
C MET A 242 -12.26 5.17 14.69
N GLN A 243 -13.23 5.10 13.78
CA GLN A 243 -14.43 4.35 14.06
C GLN A 243 -14.18 2.85 14.10
N ASN A 244 -13.26 2.37 13.26
CA ASN A 244 -12.92 0.95 13.29
C ASN A 244 -12.01 0.60 14.47
N VAL A 245 -11.08 1.49 14.81
CA VAL A 245 -10.20 1.25 15.96
C VAL A 245 -10.99 1.24 17.25
N PHE A 246 -11.88 2.20 17.43
CA PHE A 246 -12.60 2.40 18.70
C PHE A 246 -14.10 2.35 18.48
N PRO A 247 -14.73 1.19 18.67
CA PRO A 247 -16.18 1.11 18.50
C PRO A 247 -16.91 1.61 19.73
N ALA A 248 -18.13 2.11 19.52
CA ALA A 248 -18.89 2.75 20.58
C ALA A 248 -20.38 2.73 20.26
N ALA A 249 -21.20 2.52 21.27
CA ALA A 249 -22.63 2.39 21.05
C ALA A 249 -23.32 3.75 21.16
N PRO A 250 -24.07 4.18 20.16
CA PRO A 250 -24.67 5.52 20.17
C PRO A 250 -25.76 5.63 21.22
N PRO A 251 -26.25 6.84 21.49
CA PRO A 251 -27.11 7.04 22.67
C PRO A 251 -28.38 6.21 22.69
N TRP A 252 -28.99 5.93 21.54
CA TRP A 252 -30.19 5.11 21.57
C TRP A 252 -29.91 3.76 22.17
N TYR A 253 -28.65 3.31 22.15
CA TYR A 253 -28.31 2.06 22.81
C TYR A 253 -28.54 2.16 24.30
N LYS A 254 -28.08 3.25 24.92
CA LYS A 254 -28.31 3.42 26.35
C LYS A 254 -29.78 3.65 26.64
N ILE A 255 -30.48 4.33 25.73
CA ILE A 255 -31.92 4.54 25.91
C ILE A 255 -32.65 3.21 25.92
N LEU A 256 -32.32 2.33 24.97
CA LEU A 256 -33.08 1.11 24.78
C LEU A 256 -32.62 0.02 25.74
N TYR A 257 -31.37 -0.42 25.62
CA TYR A 257 -30.84 -1.50 26.45
C TYR A 257 -30.29 -1.03 27.77
N GLY A 258 -29.63 0.12 27.81
CA GLY A 258 -29.12 0.65 29.05
C GLY A 258 -27.62 0.73 29.11
N LEU A 259 -27.02 -0.05 30.00
CA LEU A 259 -25.58 -0.02 30.21
C LEU A 259 -24.90 -1.33 29.88
N GLN A 260 -25.66 -2.40 29.61
CA GLN A 260 -25.07 -3.72 29.46
C GLN A 260 -24.20 -3.82 28.21
N SER A 261 -23.50 -4.94 28.07
CA SER A 261 -22.46 -5.09 27.07
C SER A 261 -23.04 -5.54 25.72
N ALA A 262 -22.48 -5.00 24.65
CA ALA A 262 -22.97 -5.27 23.30
C ALA A 262 -22.25 -6.42 22.64
N ASN A 263 -22.48 -6.59 21.34
CA ASN A 263 -21.77 -7.54 20.49
C ASN A 263 -22.14 -7.26 19.05
N TYR A 264 -21.34 -7.71 18.10
CA TYR A 264 -21.63 -7.34 16.72
C TYR A 264 -22.77 -8.14 16.11
N ASP A 265 -23.58 -8.87 16.87
CA ASP A 265 -24.68 -9.62 16.28
C ASP A 265 -26.03 -9.07 16.72
N MET A 266 -26.15 -7.75 16.78
CA MET A 266 -27.42 -7.10 17.06
C MET A 266 -27.65 -6.04 16.00
N HIS A 267 -28.92 -5.75 15.72
CA HIS A 267 -29.28 -4.81 14.67
C HIS A 267 -29.41 -3.40 15.21
N GLY A 268 -29.07 -2.43 14.39
CA GLY A 268 -29.16 -1.03 14.77
C GLY A 268 -30.61 -0.58 14.86
N SER A 269 -30.77 0.69 15.21
CA SER A 269 -32.09 1.28 15.38
C SER A 269 -32.05 2.69 14.83
N PRO A 270 -33.17 3.16 14.30
CA PRO A 270 -33.22 4.54 13.79
C PRO A 270 -33.07 5.61 14.86
N GLY A 271 -33.95 5.60 15.86
CA GLY A 271 -34.03 6.72 16.78
C GLY A 271 -35.30 7.53 16.54
N GLY A 272 -35.15 8.74 16.02
CA GLY A 272 -36.31 9.55 15.66
C GLY A 272 -36.67 9.48 14.19
N LEU A 273 -35.76 8.98 13.37
CA LEU A 273 -36.14 8.73 12.00
C LEU A 273 -37.23 7.67 11.92
N ALA A 274 -37.43 6.89 12.97
CA ALA A 274 -38.60 6.03 13.04
C ALA A 274 -39.89 6.85 13.10
N ARG A 275 -39.88 7.93 13.89
CA ARG A 275 -41.03 8.83 13.92
C ARG A 275 -41.23 9.50 12.56
N ILE A 276 -40.12 9.85 11.89
CA ILE A 276 -40.24 10.41 10.54
C ILE A 276 -40.88 9.39 9.59
N ASP A 277 -40.46 8.12 9.70
CA ASP A 277 -41.06 7.08 8.87
C ASP A 277 -42.54 6.95 9.14
N LYS A 278 -42.95 6.98 10.41
CA LYS A 278 -44.37 6.88 10.71
C LYS A 278 -45.14 8.09 10.18
N LEU A 279 -44.50 9.23 10.25
CA LEU A 279 -45.10 10.44 9.80
C LEU A 279 -45.49 10.31 8.40
N LEU A 280 -44.53 10.28 7.47
CA LEU A 280 -44.82 10.12 6.06
C LEU A 280 -44.88 8.72 5.58
N GLY A 281 -45.68 7.93 6.22
CA GLY A 281 -45.90 6.57 5.87
C GLY A 281 -45.03 5.58 5.18
N ILE A 282 -43.74 5.75 5.05
CA ILE A 282 -42.96 4.73 4.36
C ILE A 282 -42.48 3.61 5.27
N ASN A 283 -41.17 3.37 5.21
CA ASN A 283 -40.41 2.46 6.01
C ASN A 283 -39.05 2.74 5.54
N MET A 284 -38.94 3.89 5.01
CA MET A 284 -37.69 4.41 4.46
C MET A 284 -36.45 4.13 5.31
N TYR A 285 -36.54 4.36 6.63
CA TYR A 285 -35.35 4.37 7.49
C TYR A 285 -35.25 3.17 8.42
N THR A 286 -36.35 2.59 8.88
CA THR A 286 -36.26 1.48 9.83
C THR A 286 -35.53 0.29 9.23
N THR A 287 -35.94 -0.15 8.04
CA THR A 287 -35.27 -1.26 7.38
C THR A 287 -33.84 -0.89 7.01
N ALA A 288 -33.65 0.33 6.51
CA ALA A 288 -32.34 0.76 6.06
C ALA A 288 -31.33 0.84 7.19
N PHE A 289 -31.76 1.15 8.41
CA PHE A 289 -30.87 1.18 9.57
C PHE A 289 -30.70 -0.19 10.21
N SER A 290 -31.78 -0.93 10.40
CA SER A 290 -31.76 -2.13 11.21
C SER A 290 -31.01 -3.28 10.57
N ASN A 291 -30.36 -3.04 9.42
CA ASN A 291 -29.49 -4.03 8.83
C ASN A 291 -28.21 -3.33 8.32
N SER A 292 -27.73 -2.39 9.10
CA SER A 292 -26.52 -1.65 8.77
C SER A 292 -25.31 -2.33 9.41
N SER A 293 -24.11 -1.87 9.03
CA SER A 293 -22.86 -2.46 9.49
C SER A 293 -22.02 -1.47 10.28
N VAL A 294 -22.52 -0.26 10.52
CA VAL A 294 -21.79 0.76 11.25
C VAL A 294 -22.64 1.13 12.46
N ILE A 295 -23.33 0.15 13.02
CA ILE A 295 -24.14 0.37 14.21
C ILE A 295 -23.29 0.98 15.31
N PHE A 296 -22.15 0.36 15.61
CA PHE A 296 -21.22 0.87 16.60
C PHE A 296 -20.11 1.60 15.87
N GLY A 297 -20.48 2.72 15.27
CA GLY A 297 -19.55 3.57 14.55
C GLY A 297 -19.79 5.02 14.88
N ALA A 298 -20.16 5.28 16.12
CA ALA A 298 -20.58 6.59 16.58
C ALA A 298 -19.44 7.34 17.29
N PHE A 299 -18.21 7.14 16.84
CA PHE A 299 -17.10 7.96 17.33
C PHE A 299 -15.92 7.89 16.36
N PRO A 300 -15.43 9.02 15.84
CA PRO A 300 -16.00 10.35 16.03
C PRO A 300 -17.24 10.53 15.17
N SER A 301 -17.90 11.66 15.31
CA SER A 301 -19.03 11.95 14.45
C SER A 301 -18.54 12.24 13.04
N LEU A 302 -19.29 11.78 12.05
CA LEU A 302 -19.03 12.16 10.68
C LEU A 302 -20.06 13.14 10.15
N HIS A 303 -21.29 13.13 10.68
CA HIS A 303 -22.22 14.21 10.41
C HIS A 303 -21.62 15.54 10.84
N SER A 304 -21.18 15.61 12.10
CA SER A 304 -20.58 16.83 12.63
C SER A 304 -19.28 17.19 11.93
N GLY A 305 -18.44 16.21 11.63
CA GLY A 305 -17.21 16.51 10.90
C GLY A 305 -17.50 17.11 9.53
N CYS A 306 -18.41 16.50 8.78
CA CYS A 306 -18.74 17.04 7.47
C CYS A 306 -19.35 18.43 7.58
N ALA A 307 -20.29 18.61 8.51
CA ALA A 307 -20.91 19.92 8.66
C ALA A 307 -19.88 20.98 9.01
N THR A 308 -18.96 20.66 9.91
CA THR A 308 -17.93 21.60 10.29
C THR A 308 -17.00 21.91 9.12
N MET A 309 -16.63 20.90 8.33
CA MET A 309 -15.76 21.15 7.20
C MET A 309 -16.43 22.03 6.16
N GLU A 310 -17.68 21.73 5.84
CA GLU A 310 -18.41 22.54 4.87
C GLU A 310 -18.56 23.97 5.35
N ALA A 311 -18.90 24.16 6.63
CA ALA A 311 -19.07 25.51 7.15
C ALA A 311 -17.75 26.26 7.23
N LEU A 312 -16.66 25.57 7.60
CA LEU A 312 -15.37 26.23 7.57
C LEU A 312 -14.98 26.66 6.18
N PHE A 313 -15.29 25.85 5.16
CA PHE A 313 -14.95 26.28 3.82
C PHE A 313 -15.83 27.41 3.32
N PHE A 314 -17.08 27.44 3.77
CA PHE A 314 -17.98 28.53 3.41
C PHE A 314 -17.49 29.82 4.06
N CYS A 315 -17.10 29.73 5.32
CA CYS A 315 -16.58 30.88 6.08
C CYS A 315 -15.20 31.30 5.60
N TYR A 316 -14.47 30.40 4.94
CA TYR A 316 -13.20 30.77 4.34
C TYR A 316 -13.41 31.51 3.03
N CYS A 317 -14.23 30.96 2.14
CA CYS A 317 -14.54 31.59 0.86
C CYS A 317 -15.46 32.79 0.96
N PHE A 318 -16.48 32.74 1.82
CA PHE A 318 -17.41 33.84 2.01
C PHE A 318 -17.29 34.36 3.43
N PRO A 319 -16.50 35.38 3.68
CA PRO A 319 -16.31 35.84 5.06
C PRO A 319 -17.27 36.92 5.48
N LYS A 320 -18.27 37.22 4.66
CA LYS A 320 -19.21 38.30 4.95
C LYS A 320 -20.52 37.84 5.56
N LEU A 321 -21.05 36.71 5.14
CA LEU A 321 -22.33 36.19 5.64
C LEU A 321 -22.12 34.97 6.52
N LYS A 322 -21.04 34.99 7.28
CA LYS A 322 -20.55 33.94 8.16
C LYS A 322 -21.49 33.45 9.25
N PRO A 323 -22.28 34.31 9.93
CA PRO A 323 -23.14 33.79 11.00
C PRO A 323 -24.11 32.72 10.52
N LEU A 324 -24.45 32.77 9.24
CA LEU A 324 -25.37 31.81 8.67
C LEU A 324 -24.82 30.40 8.79
N PHE A 325 -23.53 30.22 8.51
CA PHE A 325 -22.96 28.89 8.52
C PHE A 325 -22.80 28.35 9.93
N ILE A 326 -22.47 29.23 10.89
CA ILE A 326 -22.41 28.78 12.28
C ILE A 326 -23.79 28.36 12.76
N ALA A 327 -24.83 29.12 12.39
CA ALA A 327 -26.18 28.71 12.73
C ALA A 327 -26.52 27.37 12.11
N TYR A 328 -26.07 27.15 10.87
CA TYR A 328 -26.31 25.87 10.23
C TYR A 328 -25.65 24.72 10.99
N VAL A 329 -24.41 24.91 11.42
CA VAL A 329 -23.72 23.85 12.15
C VAL A 329 -24.42 23.56 13.47
N CYS A 330 -24.80 24.61 14.21
CA CYS A 330 -25.53 24.37 15.45
C CYS A 330 -26.86 23.67 15.20
N TRP A 331 -27.53 24.00 14.10
CA TRP A 331 -28.73 23.28 13.71
C TRP A 331 -28.43 21.80 13.49
N LEU A 332 -27.32 21.50 12.83
CA LEU A 332 -27.02 20.11 12.55
C LEU A 332 -26.64 19.34 13.81
N TRP A 333 -25.88 19.97 14.71
CA TRP A 333 -25.56 19.31 15.98
C TRP A 333 -26.82 19.05 16.80
N TRP A 334 -27.72 20.02 16.87
CA TRP A 334 -28.98 19.77 17.57
C TRP A 334 -29.73 18.64 16.89
N SER A 335 -29.74 18.61 15.56
CA SER A 335 -30.46 17.56 14.86
C SER A 335 -29.89 16.19 15.17
N THR A 336 -28.58 16.10 15.25
CA THR A 336 -27.93 14.81 15.50
C THR A 336 -28.14 14.33 16.93
N MET A 337 -28.09 15.22 17.91
CA MET A 337 -28.38 14.80 19.29
C MET A 337 -29.87 14.71 19.59
N TYR A 338 -30.72 15.27 18.76
CA TYR A 338 -32.16 15.13 18.95
C TYR A 338 -32.61 13.72 18.62
N LEU A 339 -32.15 13.18 17.49
CA LEU A 339 -32.60 11.87 17.04
C LEU A 339 -31.89 10.77 17.81
N THR A 340 -31.08 11.14 18.80
CA THR A 340 -30.36 10.20 19.66
C THR A 340 -29.42 9.32 18.82
N HIS A 341 -28.63 9.98 17.98
CA HIS A 341 -27.65 9.31 17.17
C HIS A 341 -26.22 9.62 17.57
N HIS A 342 -26.00 10.55 18.50
CA HIS A 342 -24.66 10.95 18.86
C HIS A 342 -24.65 11.49 20.28
N TYR A 343 -23.51 11.38 20.93
CA TYR A 343 -23.22 12.11 22.14
C TYR A 343 -22.53 13.41 21.74
N PHE A 344 -22.40 14.32 22.69
CA PHE A 344 -21.74 15.57 22.34
C PHE A 344 -20.24 15.40 22.18
N VAL A 345 -19.63 14.48 22.92
CA VAL A 345 -18.22 14.20 22.70
C VAL A 345 -17.98 13.62 21.31
N ASP A 346 -18.97 12.90 20.77
CA ASP A 346 -18.85 12.41 19.40
C ASP A 346 -18.70 13.57 18.44
N LEU A 347 -19.63 14.53 18.53
CA LEU A 347 -19.62 15.67 17.65
C LEU A 347 -18.36 16.49 17.84
N MET A 348 -17.82 16.50 19.06
CA MET A 348 -16.65 17.33 19.30
C MET A 348 -15.37 16.68 18.83
N ALA A 349 -15.26 15.36 18.94
CA ALA A 349 -14.17 14.68 18.27
C ALA A 349 -14.21 14.96 16.77
N GLY A 350 -15.40 14.83 16.18
CA GLY A 350 -15.51 15.10 14.75
C GLY A 350 -15.13 16.53 14.40
N SER A 351 -15.63 17.49 15.16
CA SER A 351 -15.39 18.91 14.90
C SER A 351 -13.96 19.33 15.13
N VAL A 352 -13.29 18.86 16.19
CA VAL A 352 -11.88 19.16 16.37
C VAL A 352 -11.00 18.50 15.33
N LEU A 353 -11.31 17.26 14.94
CA LEU A 353 -10.60 16.65 13.83
C LEU A 353 -10.71 17.50 12.58
N SER A 354 -11.94 17.89 12.23
CA SER A 354 -12.15 18.70 11.03
C SER A 354 -11.46 20.05 11.16
N TYR A 355 -11.49 20.64 12.35
CA TYR A 355 -10.89 21.95 12.55
C TYR A 355 -9.39 21.91 12.34
N VAL A 356 -8.72 20.93 12.93
CA VAL A 356 -7.27 20.86 12.78
C VAL A 356 -6.90 20.56 11.33
N ILE A 357 -7.62 19.62 10.70
CA ILE A 357 -7.37 19.33 9.30
C ILE A 357 -7.52 20.58 8.45
N PHE A 358 -8.59 21.34 8.66
CA PHE A 358 -8.80 22.53 7.85
C PHE A 358 -7.75 23.59 8.14
N GLN A 359 -7.29 23.70 9.38
CA GLN A 359 -6.26 24.69 9.69
C GLN A 359 -4.97 24.37 8.96
N TYR A 360 -4.56 23.11 8.95
CA TYR A 360 -3.42 22.70 8.14
C TYR A 360 -3.65 23.05 6.68
N THR A 361 -4.80 22.63 6.14
CA THR A 361 -5.05 22.77 4.72
C THR A 361 -5.20 24.22 4.32
N LYS A 362 -5.54 25.10 5.25
CA LYS A 362 -5.70 26.51 4.94
C LYS A 362 -4.40 27.28 5.05
N TYR A 363 -3.61 26.99 6.09
CA TYR A 363 -2.27 27.57 6.19
C TYR A 363 -1.25 26.76 5.40
N THR A 364 -1.75 26.01 4.42
CA THR A 364 -1.00 25.25 3.44
C THR A 364 -1.84 25.35 2.16
N HIS A 365 -1.71 24.31 1.34
CA HIS A 365 -2.35 24.16 0.04
C HIS A 365 -3.33 25.24 -0.43
N LEU A 366 -4.27 25.60 0.43
CA LEU A 366 -5.32 26.55 0.07
C LEU A 366 -4.72 27.91 -0.32
N PRO A 367 -5.37 28.63 -1.26
CA PRO A 367 -4.88 29.95 -1.65
C PRO A 367 -5.47 31.07 -0.82
N ILE A 368 -5.08 32.31 -1.09
CA ILE A 368 -5.60 33.45 -0.36
C ILE A 368 -6.80 34.03 -1.11
N VAL A 369 -7.96 33.99 -0.45
CA VAL A 369 -9.18 34.52 -1.06
C VAL A 369 -9.07 36.03 -1.21
N ASP A 370 -9.63 36.55 -2.29
CA ASP A 370 -9.77 37.98 -2.46
C ASP A 370 -11.21 38.37 -2.17
N THR A 371 -11.41 39.64 -1.83
CA THR A 371 -12.73 40.12 -1.47
C THR A 371 -13.35 41.03 -2.51
N SER A 372 -12.59 41.57 -3.45
CA SER A 372 -13.15 42.43 -4.49
C SER A 372 -13.55 41.65 -5.72
N LEU A 373 -13.28 40.35 -5.76
CA LEU A 373 -13.43 39.55 -6.97
C LEU A 373 -14.69 38.71 -6.87
N PHE A 374 -15.51 38.75 -7.93
CA PHE A 374 -16.83 38.12 -7.90
C PHE A 374 -16.74 36.60 -7.90
N CYS A 375 -16.15 36.03 -8.95
CA CYS A 375 -16.20 34.58 -9.13
C CYS A 375 -14.84 34.10 -9.61
N ARG A 376 -14.68 32.79 -9.67
CA ARG A 376 -13.40 32.17 -10.01
C ARG A 376 -12.80 32.75 -11.27
N TRP A 377 -13.60 32.87 -12.32
CA TRP A 377 -13.11 33.24 -13.63
C TRP A 377 -12.76 34.73 -13.72
N SER A 378 -12.68 35.40 -12.58
CA SER A 378 -12.15 36.76 -12.50
C SER A 378 -10.91 36.82 -11.63
N TYR A 379 -10.44 35.66 -11.16
CA TYR A 379 -9.19 35.55 -10.42
C TYR A 379 -8.06 35.34 -11.42
N THR A 380 -7.09 36.24 -11.41
CA THR A 380 -5.96 36.17 -12.34
C THR A 380 -4.66 35.82 -11.64
N SER A 381 -4.74 35.14 -10.50
CA SER A 381 -3.54 34.74 -9.78
C SER A 381 -3.89 33.67 -8.76
N ILE A 382 -2.88 32.90 -8.39
CA ILE A 382 -2.95 31.96 -7.27
C ILE A 382 -1.97 32.47 -6.21
N GLU A 383 -2.46 32.66 -5.00
CA GLU A 383 -1.61 33.16 -3.91
C GLU A 383 -1.65 32.23 -2.70
N LYS A 384 -0.56 31.50 -2.48
CA LYS A 384 -0.46 30.60 -1.33
C LYS A 384 -0.14 31.39 -0.08
N TYR A 385 -0.81 31.04 1.02
CA TYR A 385 -0.58 31.74 2.28
C TYR A 385 0.89 31.65 2.69
N ASP A 386 1.31 32.51 3.60
CA ASP A 386 2.71 32.53 4.03
C ASP A 386 2.82 32.66 5.54
N ILE A 387 3.22 31.58 6.20
CA ILE A 387 3.31 31.60 7.67
C ILE A 387 4.31 32.63 8.14
N SER A 388 5.48 32.67 7.50
CA SER A 388 6.62 33.41 8.04
C SER A 388 6.33 34.90 8.15
N LYS A 389 5.90 35.52 7.05
CA LYS A 389 5.71 36.96 7.06
C LYS A 389 4.52 37.37 7.92
N SER A 390 3.40 36.67 7.77
CA SER A 390 2.11 37.14 8.25
C SER A 390 1.99 37.18 9.76
N ASP A 391 2.87 36.52 10.50
CA ASP A 391 2.65 36.41 11.93
C ASP A 391 2.78 37.78 12.60
N PRO A 392 1.97 38.04 13.61
CA PRO A 392 2.11 39.30 14.36
C PRO A 392 3.47 39.42 15.01
N LEU A 393 4.02 38.26 15.39
CA LEU A 393 5.30 38.22 16.09
C LEU A 393 6.39 38.12 15.03
N ALA A 394 6.55 39.19 14.26
CA ALA A 394 7.37 39.17 13.07
C ALA A 394 8.85 39.29 13.45
N ALA A 395 9.70 39.53 12.47
CA ALA A 395 11.14 39.66 12.65
C ALA A 395 11.56 41.13 12.75
N ASP A 396 10.72 41.94 13.38
CA ASP A 396 10.95 43.38 13.53
C ASP A 396 11.07 44.05 12.17
N SER A 397 9.98 44.01 11.39
CA SER A 397 9.94 44.63 10.07
C SER A 397 9.69 46.14 10.11
N ASN A 398 9.38 46.69 11.28
CA ASN A 398 9.16 48.12 11.41
C ASN A 398 9.37 48.57 12.86
N MET B 22 2.51 39.95 41.50
CA MET B 22 2.98 40.82 42.58
C MET B 22 4.51 40.91 42.56
N ARG B 23 5.15 39.82 42.10
CA ARG B 23 6.60 39.73 42.02
C ARG B 23 6.96 38.80 40.87
N SER B 24 8.24 38.70 40.59
CA SER B 24 8.71 37.88 39.47
C SER B 24 8.66 36.40 39.83
N SER B 25 8.65 35.57 38.78
CA SER B 25 8.63 34.12 38.93
C SER B 25 9.15 33.48 37.65
N LEU B 26 9.85 32.35 37.77
CA LEU B 26 10.49 31.72 36.62
C LEU B 26 9.45 31.35 35.57
N LEU B 27 8.51 30.47 35.92
CA LEU B 27 7.38 30.11 35.06
C LEU B 27 7.82 29.81 33.63
N THR B 28 8.59 28.74 33.42
CA THR B 28 9.11 28.40 32.10
C THR B 28 7.94 28.01 31.20
N LEU B 29 7.88 28.61 29.99
CA LEU B 29 6.79 28.43 29.04
C LEU B 29 7.32 28.07 27.64
N PRO B 30 6.57 27.29 26.87
CA PRO B 30 7.04 26.92 25.53
C PRO B 30 6.90 28.08 24.57
N LYS B 31 7.61 27.98 23.46
CA LYS B 31 7.51 28.98 22.40
C LYS B 31 7.19 28.29 21.08
N SER B 32 6.34 27.27 21.15
CA SER B 32 5.85 26.53 20.00
C SER B 32 4.84 25.52 20.49
N PHE B 33 4.02 25.05 19.56
CA PHE B 33 3.06 23.98 19.84
C PHE B 33 3.66 22.68 19.32
N LEU B 34 4.25 21.90 20.23
CA LEU B 34 4.92 20.65 19.89
C LEU B 34 6.06 20.91 18.91
N GLY B 35 6.69 22.08 19.05
CA GLY B 35 7.87 22.39 18.28
C GLY B 35 7.64 22.89 16.87
N PHE B 36 6.59 22.39 16.21
CA PHE B 36 6.47 22.51 14.76
C PHE B 36 5.52 23.62 14.32
N MET B 37 5.35 24.68 15.10
CA MET B 37 4.34 25.65 14.71
C MET B 37 4.46 26.93 15.54
N PRO B 38 4.25 28.10 14.94
CA PRO B 38 4.39 29.36 15.67
C PRO B 38 3.26 29.57 16.67
N LEU B 39 3.48 30.52 17.57
CA LEU B 39 2.56 30.70 18.68
C LEU B 39 1.20 31.19 18.24
N TYR B 40 1.12 32.17 17.33
CA TYR B 40 -0.18 32.79 17.05
C TYR B 40 -1.15 31.83 16.40
N LEU B 41 -0.64 31.01 15.48
CA LEU B 41 -1.50 30.02 14.85
C LEU B 41 -2.03 29.03 15.89
N ALA B 42 -1.15 28.57 16.78
CA ALA B 42 -1.57 27.74 17.90
C ALA B 42 -2.57 28.45 18.79
N VAL B 43 -2.43 29.77 18.92
CA VAL B 43 -3.36 30.53 19.74
C VAL B 43 -4.75 30.49 19.15
N GLU B 44 -4.84 30.64 17.84
CA GLU B 44 -6.10 30.60 17.13
C GLU B 44 -6.72 29.21 17.27
N ILE B 45 -5.90 28.18 17.10
CA ILE B 45 -6.38 26.80 17.23
C ILE B 45 -6.89 26.54 18.64
N VAL B 46 -6.16 27.03 19.65
CA VAL B 46 -6.57 26.85 21.04
C VAL B 46 -7.90 27.52 21.31
N LEU B 47 -8.05 28.76 20.86
CA LEU B 47 -9.30 29.47 21.08
C LEU B 47 -10.45 28.77 20.36
N GLY B 48 -10.24 28.32 19.13
CA GLY B 48 -11.28 27.63 18.41
C GLY B 48 -11.67 26.32 19.05
N ILE B 49 -10.70 25.58 19.56
CA ILE B 49 -11.00 24.34 20.25
C ILE B 49 -11.80 24.62 21.51
N SER B 50 -11.47 25.71 22.21
CA SER B 50 -12.19 26.02 23.44
C SER B 50 -13.62 26.47 23.18
N ILE B 51 -13.84 27.31 22.15
CA ILE B 51 -15.17 27.85 21.87
C ILE B 51 -16.18 26.73 21.61
N LEU B 52 -15.78 25.76 20.81
CA LEU B 52 -16.67 24.64 20.58
C LEU B 52 -17.15 24.06 21.89
N ASN B 53 -16.22 23.71 22.78
CA ASN B 53 -16.60 22.99 23.99
C ASN B 53 -17.49 23.81 24.93
N LYS B 54 -17.76 25.07 24.60
CA LYS B 54 -18.73 25.86 25.35
C LYS B 54 -20.05 26.00 24.60
N CYS B 55 -20.04 25.68 23.31
CA CYS B 55 -21.33 25.41 22.66
C CYS B 55 -22.16 24.40 23.45
N SER B 56 -21.51 23.51 24.21
CA SER B 56 -22.23 22.56 25.07
C SER B 56 -23.00 23.28 26.16
N GLY B 57 -22.41 24.31 26.75
CA GLY B 57 -23.16 25.14 27.69
C GLY B 57 -24.36 25.79 27.03
N ALA B 58 -24.17 26.26 25.80
CA ALA B 58 -25.33 26.79 25.07
C ALA B 58 -26.46 25.76 25.00
N TYR B 59 -26.13 24.51 24.72
CA TYR B 59 -27.18 23.50 24.69
C TYR B 59 -27.75 23.18 26.07
N GLY B 60 -27.01 23.43 27.14
CA GLY B 60 -27.63 23.35 28.46
C GLY B 60 -28.71 24.42 28.64
N ILE B 61 -28.40 25.65 28.26
CA ILE B 61 -29.46 26.65 28.33
C ILE B 61 -30.63 26.26 27.43
N LEU B 62 -30.40 25.45 26.40
CA LEU B 62 -31.57 24.82 25.75
C LEU B 62 -32.26 23.80 26.64
N ALA B 63 -31.50 23.10 27.49
CA ALA B 63 -32.14 22.19 28.45
C ALA B 63 -33.12 22.94 29.32
N LEU B 64 -32.89 24.25 29.47
CA LEU B 64 -33.89 25.09 30.14
C LEU B 64 -35.26 24.94 29.50
N PHE B 65 -35.33 25.09 28.18
CA PHE B 65 -36.61 25.01 27.47
C PHE B 65 -37.15 23.60 27.34
N THR B 66 -36.28 22.62 27.06
CA THR B 66 -36.78 21.29 26.70
C THR B 66 -37.62 20.67 27.82
N GLY B 67 -37.17 20.80 29.06
CA GLY B 67 -37.92 20.24 30.16
C GLY B 67 -37.07 19.48 31.15
N HIS B 68 -35.86 19.12 30.74
CA HIS B 68 -34.96 18.35 31.58
C HIS B 68 -34.59 19.18 32.80
N PRO B 69 -34.76 18.66 34.01
CA PRO B 69 -34.44 19.45 35.19
C PRO B 69 -32.96 19.45 35.54
N LEU B 70 -32.33 20.61 35.45
CA LEU B 70 -30.94 20.77 35.82
C LEU B 70 -30.85 21.10 37.32
N ASP B 71 -29.63 21.07 37.85
CA ASP B 71 -29.38 21.57 39.19
C ASP B 71 -28.30 22.64 39.16
N PHE B 72 -28.13 23.31 40.29
CA PHE B 72 -27.37 24.54 40.38
C PHE B 72 -25.94 24.39 39.85
N MET B 73 -25.33 23.23 40.08
CA MET B 73 -23.95 23.06 39.61
C MET B 73 -23.88 23.05 38.09
N GLN B 74 -24.78 22.34 37.44
CA GLN B 74 -24.80 22.35 35.98
C GLN B 74 -25.15 23.73 35.45
N TRP B 75 -26.06 24.44 36.12
CA TRP B 75 -26.37 25.81 35.71
C TRP B 75 -25.13 26.68 35.75
N ILE B 76 -24.35 26.55 36.84
CA ILE B 76 -23.14 27.35 36.98
C ILE B 76 -22.16 27.01 35.86
N ALA B 77 -21.98 25.71 35.60
CA ALA B 77 -21.06 25.30 34.54
C ALA B 77 -21.48 25.88 33.20
N TYR B 78 -22.78 25.82 32.89
CA TYR B 78 -23.24 26.24 31.57
C TYR B 78 -23.16 27.76 31.41
N LEU B 79 -23.56 28.51 32.43
CA LEU B 79 -23.48 29.96 32.32
C LEU B 79 -22.03 30.44 32.27
N TRP B 80 -21.16 29.83 33.07
CA TRP B 80 -19.74 30.13 32.98
C TRP B 80 -19.20 29.79 31.59
N SER B 81 -19.69 28.68 31.02
CA SER B 81 -19.30 28.30 29.67
C SER B 81 -19.66 29.40 28.68
N VAL B 82 -20.89 29.90 28.75
CA VAL B 82 -21.29 30.94 27.81
C VAL B 82 -20.49 32.21 28.00
N PHE B 83 -20.27 32.58 29.26
CA PHE B 83 -19.50 33.77 29.60
C PHE B 83 -18.14 33.71 28.90
N THR B 84 -17.37 32.67 29.21
CA THR B 84 -16.07 32.50 28.59
C THR B 84 -16.18 32.34 27.09
N LEU B 85 -17.35 31.90 26.60
CA LEU B 85 -17.52 31.76 25.16
C LEU B 85 -17.53 33.11 24.46
N ILE B 86 -18.25 34.10 25.01
CA ILE B 86 -18.17 35.45 24.44
C ILE B 86 -16.75 35.99 24.52
N VAL B 87 -16.10 35.83 25.67
CA VAL B 87 -14.76 36.41 25.78
C VAL B 87 -13.80 35.79 24.77
N PHE B 88 -13.77 34.46 24.70
CA PHE B 88 -12.88 33.79 23.77
C PHE B 88 -13.29 34.04 22.33
N SER B 89 -14.54 34.40 22.10
CA SER B 89 -14.94 34.82 20.76
C SER B 89 -14.24 36.13 20.39
N GLN B 90 -14.19 37.08 21.31
CA GLN B 90 -13.38 38.28 21.06
C GLN B 90 -11.95 37.88 20.73
N GLY B 91 -11.41 36.93 21.47
CA GLY B 91 -10.06 36.49 21.20
C GLY B 91 -9.89 35.97 19.79
N LEU B 92 -10.82 35.12 19.35
CA LEU B 92 -10.74 34.55 18.01
C LEU B 92 -10.86 35.62 16.93
N TYR B 93 -11.60 36.69 17.22
CA TYR B 93 -11.63 37.80 16.27
C TYR B 93 -10.29 38.52 16.18
N LEU B 94 -9.59 38.71 17.31
CA LEU B 94 -8.38 39.53 17.25
C LEU B 94 -7.09 38.74 17.06
N ILE B 95 -7.14 37.57 16.42
CA ILE B 95 -5.96 36.72 16.31
C ILE B 95 -4.85 37.36 15.50
N HIS B 96 -5.16 37.84 14.30
CA HIS B 96 -4.13 38.29 13.37
C HIS B 96 -3.60 39.67 13.69
N LYS B 97 -4.31 40.42 14.52
CA LYS B 97 -3.88 41.75 14.95
C LYS B 97 -4.02 41.78 16.47
N PRO B 98 -2.89 41.63 17.20
CA PRO B 98 -3.03 41.58 18.65
C PRO B 98 -3.52 42.88 19.28
N ASN B 99 -3.89 42.77 20.56
CA ASN B 99 -4.28 43.90 21.38
C ASN B 99 -4.07 43.48 22.82
N LEU B 100 -3.05 44.03 23.49
CA LEU B 100 -2.53 43.42 24.70
C LEU B 100 -3.54 43.38 25.84
N LEU B 101 -4.41 44.39 25.96
CA LEU B 101 -5.52 44.29 26.90
C LEU B 101 -6.33 43.03 26.67
N VAL B 102 -6.76 42.81 25.42
CA VAL B 102 -7.67 41.72 25.12
C VAL B 102 -7.02 40.38 25.46
N PHE B 103 -5.78 40.20 25.03
CA PHE B 103 -5.16 38.89 25.20
C PHE B 103 -4.71 38.67 26.63
N SER B 104 -4.38 39.73 27.37
CA SER B 104 -4.13 39.53 28.79
C SER B 104 -5.40 39.10 29.51
N GLN B 105 -6.52 39.77 29.22
CA GLN B 105 -7.80 39.34 29.78
C GLN B 105 -8.05 37.87 29.46
N ILE B 106 -7.81 37.49 28.20
CA ILE B 106 -8.05 36.13 27.77
C ILE B 106 -7.17 35.16 28.54
N CYS B 107 -5.89 35.49 28.70
CA CYS B 107 -4.98 34.57 29.37
C CYS B 107 -5.40 34.32 30.81
N VAL B 108 -5.67 35.39 31.56
CA VAL B 108 -6.01 35.18 32.96
C VAL B 108 -7.37 34.52 33.10
N LEU B 109 -8.35 34.92 32.27
CA LEU B 109 -9.66 34.30 32.32
C LEU B 109 -9.57 32.82 31.96
N TYR B 110 -8.65 32.47 31.07
CA TYR B 110 -8.48 31.08 30.69
C TYR B 110 -7.85 30.29 31.81
N THR B 111 -6.93 30.91 32.57
CA THR B 111 -6.39 30.20 33.73
C THR B 111 -7.45 29.96 34.81
N ILE B 112 -8.28 30.96 35.09
CA ILE B 112 -9.38 30.75 36.02
C ILE B 112 -10.31 29.66 35.51
N ASP B 113 -10.58 29.66 34.21
CA ASP B 113 -11.42 28.61 33.65
C ASP B 113 -10.76 27.26 33.73
N THR B 114 -9.43 27.20 33.68
CA THR B 114 -8.74 25.93 33.86
C THR B 114 -8.95 25.39 35.27
N ILE B 115 -8.80 26.25 36.28
CA ILE B 115 -9.09 25.80 37.64
C ILE B 115 -10.53 25.34 37.79
N SER B 116 -11.47 26.10 37.23
CA SER B 116 -12.87 25.69 37.27
C SER B 116 -13.11 24.38 36.52
N THR B 117 -12.42 24.17 35.40
CA THR B 117 -12.54 22.90 34.69
C THR B 117 -12.08 21.74 35.54
N CYS B 118 -10.96 21.91 36.25
CA CYS B 118 -10.51 20.85 37.13
C CYS B 118 -11.54 20.57 38.22
N PHE B 119 -12.07 21.63 38.84
CA PHE B 119 -13.08 21.43 39.87
C PHE B 119 -14.30 20.71 39.32
N PHE B 120 -14.78 21.13 38.15
CA PHE B 120 -16.01 20.57 37.60
C PHE B 120 -15.80 19.13 37.12
N THR B 121 -14.63 18.82 36.59
CA THR B 121 -14.37 17.45 36.20
C THR B 121 -14.36 16.53 37.41
N LEU B 122 -13.73 16.96 38.51
CA LEU B 122 -13.82 16.17 39.73
C LEU B 122 -15.26 16.03 40.19
N TRP B 123 -16.01 17.13 40.19
CA TRP B 123 -17.38 17.09 40.66
C TRP B 123 -18.22 16.11 39.86
N PHE B 124 -18.11 16.17 38.53
CA PHE B 124 -18.96 15.34 37.68
C PHE B 124 -18.52 13.88 37.62
N THR B 125 -17.22 13.62 37.71
CA THR B 125 -16.79 12.23 37.86
C THR B 125 -17.34 11.63 39.15
N THR B 126 -17.27 12.39 40.25
CA THR B 126 -17.92 11.94 41.47
C THR B 126 -19.41 11.74 41.25
N GLN B 127 -20.00 12.67 40.52
CA GLN B 127 -21.42 12.64 40.19
C GLN B 127 -21.81 11.29 39.61
N TRP B 128 -21.12 10.91 38.54
CA TRP B 128 -21.38 9.66 37.82
C TRP B 128 -21.00 8.37 38.56
N PHE B 129 -19.95 8.39 39.37
CA PHE B 129 -19.57 7.17 40.05
C PHE B 129 -20.36 6.97 41.33
N THR B 130 -21.00 8.02 41.82
CA THR B 130 -22.03 7.85 42.84
C THR B 130 -23.34 7.39 42.22
N LEU B 131 -23.67 7.90 41.03
CA LEU B 131 -24.94 7.57 40.39
C LEU B 131 -24.82 6.39 39.42
N GLU B 132 -23.79 5.57 39.57
CA GLU B 132 -23.61 4.33 38.81
C GLU B 132 -22.42 3.54 39.34
N GLY B 157 -21.44 -17.79 22.15
CA GLY B 157 -21.12 -17.77 23.56
C GLY B 157 -19.73 -17.26 23.87
N ILE B 158 -18.71 -18.00 23.44
CA ILE B 158 -17.34 -17.58 23.65
C ILE B 158 -17.02 -16.36 22.80
N ASP B 159 -17.39 -16.40 21.51
CA ASP B 159 -17.16 -15.26 20.65
C ASP B 159 -17.92 -14.04 21.14
N ILE B 160 -19.21 -14.21 21.44
CA ILE B 160 -20.00 -13.10 21.97
C ILE B 160 -19.39 -12.58 23.27
N SER B 161 -18.79 -13.47 24.06
CA SER B 161 -18.08 -13.02 25.25
C SER B 161 -16.91 -12.12 24.89
N LYS B 162 -16.19 -12.47 23.83
CA LYS B 162 -15.04 -11.67 23.40
C LYS B 162 -15.46 -10.33 22.80
N GLN B 163 -16.62 -10.26 22.16
CA GLN B 163 -16.97 -9.07 21.38
C GLN B 163 -17.29 -7.87 22.27
N SER B 164 -17.50 -8.10 23.56
CA SER B 164 -17.86 -7.01 24.46
C SER B 164 -16.67 -6.63 25.32
N ALA B 165 -16.38 -5.32 25.40
CA ALA B 165 -15.20 -4.83 26.08
C ALA B 165 -15.21 -5.14 27.57
N THR B 166 -14.03 -5.43 28.13
CA THR B 166 -13.91 -5.71 29.55
C THR B 166 -14.05 -4.42 30.35
N GLU B 167 -14.64 -4.54 31.54
CA GLU B 167 -14.85 -3.36 32.39
C GLU B 167 -13.55 -2.61 32.65
N SER B 168 -12.46 -3.34 32.83
CA SER B 168 -11.16 -2.69 32.96
C SER B 168 -10.82 -1.87 31.73
N TYR B 169 -11.12 -2.38 30.55
CA TYR B 169 -10.84 -1.64 29.32
C TYR B 169 -11.68 -0.36 29.25
N GLU B 170 -12.95 -0.44 29.65
CA GLU B 170 -13.80 0.74 29.61
C GLU B 170 -13.32 1.80 30.59
N TYR B 171 -12.97 1.39 31.81
CA TYR B 171 -12.43 2.36 32.77
C TYR B 171 -11.10 2.94 32.30
N THR B 172 -10.25 2.10 31.69
CA THR B 172 -9.00 2.59 31.16
C THR B 172 -9.21 3.65 30.10
N MET B 173 -10.14 3.40 29.18
CA MET B 173 -10.42 4.37 28.13
C MET B 173 -11.01 5.65 28.71
N THR B 174 -11.91 5.51 29.67
CA THR B 174 -12.48 6.70 30.31
C THR B 174 -11.39 7.57 30.92
N ILE B 175 -10.50 6.96 31.71
CA ILE B 175 -9.42 7.69 32.35
C ILE B 175 -8.47 8.28 31.31
N LEU B 176 -8.18 7.52 30.25
CA LEU B 176 -7.29 8.02 29.21
C LEU B 176 -7.87 9.26 28.55
N ILE B 177 -9.15 9.22 28.18
CA ILE B 177 -9.74 10.35 27.47
C ILE B 177 -9.89 11.56 28.38
N THR B 178 -10.30 11.36 29.64
CA THR B 178 -10.33 12.49 30.56
C THR B 178 -8.96 13.11 30.80
N LEU B 179 -7.94 12.31 31.06
CA LEU B 179 -6.63 12.88 31.31
C LEU B 179 -6.04 13.52 30.06
N VAL B 180 -6.25 12.92 28.88
CA VAL B 180 -5.75 13.56 27.67
C VAL B 180 -6.32 14.96 27.53
N SER B 181 -7.61 15.12 27.82
CA SER B 181 -8.23 16.44 27.81
C SER B 181 -7.60 17.36 28.85
N LEU B 182 -7.30 16.85 30.04
CA LEU B 182 -6.75 17.73 31.07
C LEU B 182 -5.32 18.18 30.73
N ILE B 183 -4.46 17.27 30.30
CA ILE B 183 -3.11 17.68 29.88
C ILE B 183 -3.17 18.63 28.69
N PHE B 184 -4.05 18.35 27.73
CA PHE B 184 -4.15 19.29 26.62
C PHE B 184 -4.67 20.65 27.08
N ARG B 185 -5.55 20.68 28.07
CA ARG B 185 -5.98 21.96 28.64
C ARG B 185 -4.80 22.71 29.24
N PHE B 186 -3.97 22.03 30.02
CA PHE B 186 -2.84 22.70 30.64
C PHE B 186 -1.84 23.18 29.60
N TYR B 187 -1.61 22.38 28.56
CA TYR B 187 -0.70 22.81 27.50
C TYR B 187 -1.26 24.02 26.76
N PHE B 188 -2.56 24.03 26.49
CA PHE B 188 -3.16 25.21 25.89
C PHE B 188 -2.97 26.43 26.77
N ASN B 189 -3.14 26.24 28.08
CA ASN B 189 -2.99 27.35 29.01
C ASN B 189 -1.57 27.91 28.97
N PHE B 190 -0.58 27.03 28.91
CA PHE B 190 0.80 27.50 28.81
C PHE B 190 1.06 28.19 27.48
N ILE B 191 0.46 27.70 26.40
CA ILE B 191 0.61 28.36 25.10
C ILE B 191 0.07 29.78 25.17
N LEU B 192 -1.10 29.96 25.76
CA LEU B 192 -1.66 31.30 25.89
C LEU B 192 -0.76 32.19 26.75
N ALA B 193 -0.25 31.64 27.85
CA ALA B 193 0.62 32.42 28.73
C ALA B 193 1.87 32.88 28.00
N SER B 194 2.52 31.97 27.28
CA SER B 194 3.74 32.33 26.57
C SER B 194 3.47 33.31 25.46
N PHE B 195 2.37 33.14 24.75
CA PHE B 195 2.02 34.10 23.71
C PHE B 195 1.87 35.50 24.31
N VAL B 196 1.19 35.59 25.46
CA VAL B 196 1.04 36.91 26.09
C VAL B 196 2.40 37.45 26.52
N GLN B 197 3.25 36.61 27.07
CA GLN B 197 4.57 37.07 27.51
C GLN B 197 5.37 37.66 26.35
N GLU B 198 5.39 36.94 25.23
CA GLU B 198 6.25 37.37 24.14
C GLU B 198 5.56 38.45 23.30
N LEU B 199 4.26 38.65 23.51
CA LEU B 199 3.62 39.89 23.11
C LEU B 199 4.11 41.04 23.98
N LEU B 200 4.34 40.75 25.26
CA LEU B 200 4.79 41.80 26.17
C LEU B 200 6.16 42.31 25.79
N HIS B 201 7.10 41.40 25.63
CA HIS B 201 8.46 41.78 25.32
C HIS B 201 8.57 42.11 23.88
N HIS B 202 8.17 43.30 23.51
CA HIS B 202 8.27 43.68 22.11
C HIS B 202 8.45 45.18 21.84
N PRO B 203 7.49 45.76 21.15
CA PRO B 203 7.35 47.12 20.76
C PRO B 203 5.89 47.43 20.75
N LYS B 204 5.29 47.49 19.56
CA LYS B 204 3.92 47.82 19.26
C LYS B 204 2.90 47.36 20.25
N TYR B 205 2.64 46.08 20.27
CA TYR B 205 1.69 45.46 21.19
C TYR B 205 2.19 45.74 22.57
N LEU B 206 1.65 46.81 23.16
CA LEU B 206 2.03 47.34 24.45
C LEU B 206 1.00 48.35 24.92
N VAL B 207 0.10 47.88 25.77
CA VAL B 207 -0.99 48.66 26.33
C VAL B 207 -0.65 50.07 26.79
N ASP B 208 -1.40 51.02 26.25
CA ASP B 208 -1.33 52.44 26.58
C ASP B 208 -2.49 53.16 25.95
N LYS B 219 -20.61 56.66 28.16
CA LYS B 219 -20.86 55.23 28.16
C LYS B 219 -21.15 54.73 29.58
N PRO B 220 -22.01 53.71 29.70
CA PRO B 220 -22.49 53.28 31.02
C PRO B 220 -21.45 52.54 31.84
N ILE B 221 -21.89 51.98 32.98
CA ILE B 221 -21.00 51.17 33.82
C ILE B 221 -20.39 50.02 33.02
N TRP B 222 -21.04 49.66 31.91
CA TRP B 222 -20.57 48.61 31.02
C TRP B 222 -19.11 48.81 30.64
N LYS B 223 -18.82 49.92 29.96
CA LYS B 223 -17.49 50.11 29.39
C LYS B 223 -16.47 50.44 30.46
N ARG B 224 -16.83 51.25 31.46
CA ARG B 224 -15.96 51.42 32.61
C ARG B 224 -15.53 50.07 33.19
N LEU B 225 -16.50 49.21 33.45
CA LEU B 225 -16.18 47.94 34.10
C LEU B 225 -15.31 47.07 33.22
N TRP B 226 -15.65 46.97 31.93
CA TRP B 226 -14.88 46.08 31.06
C TRP B 226 -13.46 46.60 30.85
N ALA B 227 -13.30 47.91 30.63
CA ALA B 227 -11.97 48.46 30.43
C ALA B 227 -11.14 48.44 31.69
N LYS B 228 -11.76 48.58 32.86
CA LYS B 228 -11.02 48.45 34.12
C LYS B 228 -10.62 47.00 34.33
N SER B 229 -11.49 46.06 33.94
CA SER B 229 -11.19 44.65 34.05
C SER B 229 -9.97 44.31 33.21
N GLN B 230 -9.96 44.76 31.95
CA GLN B 230 -8.79 44.52 31.11
C GLN B 230 -7.55 45.18 31.65
N LYS B 231 -7.65 46.40 32.18
CA LYS B 231 -6.45 47.07 32.67
C LYS B 231 -5.88 46.38 33.89
N GLY B 232 -6.73 46.00 34.84
CA GLY B 232 -6.27 45.28 36.01
C GLY B 232 -5.71 43.92 35.65
N CYS B 233 -6.37 43.24 34.71
CA CYS B 233 -5.89 41.93 34.27
C CYS B 233 -4.54 42.05 33.57
N TYR B 234 -4.36 43.10 32.78
CA TYR B 234 -3.05 43.37 32.20
C TYR B 234 -2.02 43.62 33.29
N LYS B 235 -2.37 44.39 34.31
CA LYS B 235 -1.43 44.63 35.40
C LYS B 235 -1.00 43.32 36.03
N LEU B 236 -1.99 42.47 36.33
CA LEU B 236 -1.73 41.16 36.92
C LEU B 236 -0.77 40.34 36.04
N CYS B 237 -1.11 40.24 34.75
CA CYS B 237 -0.32 39.42 33.85
C CYS B 237 1.08 39.98 33.68
N LYS B 238 1.20 41.31 33.62
CA LYS B 238 2.49 41.96 33.47
C LYS B 238 3.38 41.68 34.67
N ASN B 239 2.82 41.76 35.88
CA ASN B 239 3.61 41.44 37.06
C ASN B 239 4.01 39.97 37.08
N LEU B 240 3.09 39.08 36.68
CA LEU B 240 3.41 37.66 36.68
C LEU B 240 4.48 37.30 35.66
N LEU B 241 4.44 37.87 34.46
CA LEU B 241 5.23 37.38 33.35
C LEU B 241 6.34 38.34 32.93
N GLU B 242 6.43 39.52 33.55
CA GLU B 242 7.44 40.50 33.14
C GLU B 242 8.23 41.01 34.34
N ASN C 64 41.03 8.76 1.56
CA ASN C 64 39.71 8.21 1.86
C ASN C 64 39.29 7.20 0.80
N CYS C 65 38.75 6.08 1.25
CA CYS C 65 38.36 4.96 0.39
C CYS C 65 36.85 4.73 0.42
N HIS C 66 36.11 5.83 0.32
CA HIS C 66 34.65 5.87 0.47
C HIS C 66 33.93 4.68 -0.16
N VAL C 67 34.32 4.30 -1.36
CA VAL C 67 33.64 3.24 -2.10
C VAL C 67 33.69 1.94 -1.31
N ALA C 68 34.85 1.63 -0.76
CA ALA C 68 35.04 0.36 -0.08
C ALA C 68 34.26 0.29 1.23
N ASP C 69 34.29 1.37 2.01
CA ASP C 69 33.79 1.31 3.37
C ASP C 69 32.26 1.35 3.42
N LEU C 70 31.72 0.72 4.46
CA LEU C 70 30.29 0.72 4.70
C LEU C 70 29.89 2.05 5.34
N GLU C 71 28.68 2.14 5.86
CA GLU C 71 28.19 3.38 6.47
C GLU C 71 28.54 3.35 7.95
N THR C 72 29.15 4.42 8.44
CA THR C 72 29.55 4.51 9.85
C THR C 72 28.89 5.67 10.58
N SER C 73 27.84 6.26 10.02
CA SER C 73 27.08 7.29 10.71
C SER C 73 25.82 6.69 11.33
N LEU C 74 25.31 7.35 12.36
CA LEU C 74 24.33 6.72 13.23
C LEU C 74 23.21 7.70 13.60
N ASP C 75 23.03 8.74 12.78
CA ASP C 75 22.05 9.79 13.08
C ASP C 75 20.95 9.81 12.04
N PRO C 76 19.68 9.68 12.44
CA PRO C 76 18.59 9.65 11.45
C PRO C 76 18.45 10.92 10.64
N HIS C 77 18.96 12.04 11.14
CA HIS C 77 18.85 13.30 10.41
C HIS C 77 19.47 13.18 9.02
N GLN C 78 20.59 12.46 8.93
CA GLN C 78 21.23 12.29 7.63
C GLN C 78 20.33 11.53 6.67
N THR C 79 19.66 10.49 7.15
CA THR C 79 18.74 9.74 6.31
C THR C 79 17.59 10.61 5.84
N LEU C 80 17.03 11.41 6.75
CA LEU C 80 15.91 12.25 6.35
C LEU C 80 16.35 13.31 5.35
N LEU C 81 17.56 13.84 5.49
CA LEU C 81 18.00 14.85 4.54
C LEU C 81 18.31 14.23 3.18
N LYS C 82 18.76 12.96 3.19
CA LYS C 82 18.89 12.23 1.92
C LYS C 82 17.55 12.09 1.25
N VAL C 83 16.50 11.76 2.01
CA VAL C 83 15.18 11.64 1.40
C VAL C 83 14.68 13.01 0.90
N GLN C 84 14.97 14.09 1.62
CA GLN C 84 14.83 15.44 1.06
C GLN C 84 15.52 15.59 -0.28
N LYS C 85 16.73 15.05 -0.42
CA LYS C 85 17.55 15.29 -1.59
C LYS C 85 17.19 14.39 -2.76
N TYR C 86 16.76 13.16 -2.50
CA TYR C 86 16.63 12.13 -3.52
C TYR C 86 15.49 12.48 -4.47
N LYS C 87 15.72 12.17 -5.74
CA LYS C 87 14.76 12.39 -6.81
C LYS C 87 14.49 11.04 -7.46
N PRO C 88 13.20 10.68 -7.56
CA PRO C 88 12.67 9.43 -8.10
C PRO C 88 12.24 9.53 -9.56
N ALA C 89 11.92 8.38 -10.15
CA ALA C 89 11.21 8.28 -11.41
C ALA C 89 10.06 7.31 -11.25
N LEU C 90 9.28 7.13 -12.33
CA LEU C 90 8.15 6.20 -12.26
C LEU C 90 8.57 4.83 -11.79
N SER C 91 9.76 4.39 -12.21
CA SER C 91 10.30 3.15 -11.68
C SER C 91 10.26 3.17 -10.16
N ASP C 92 10.78 4.23 -9.54
CA ASP C 92 10.86 4.28 -8.09
C ASP C 92 9.49 4.53 -7.47
N TRP C 93 8.65 5.32 -8.13
CA TRP C 93 7.30 5.53 -7.62
C TRP C 93 6.56 4.22 -7.49
N VAL C 94 6.52 3.44 -8.58
CA VAL C 94 5.80 2.17 -8.54
C VAL C 94 6.50 1.20 -7.60
N HIS C 95 7.83 1.20 -7.60
CA HIS C 95 8.60 0.37 -6.67
C HIS C 95 8.12 0.56 -5.25
N TYR C 96 8.22 1.80 -4.75
CA TYR C 96 7.94 2.04 -3.34
C TYR C 96 6.45 1.94 -3.04
N ILE C 97 5.61 2.38 -3.96
CA ILE C 97 4.16 2.28 -3.74
C ILE C 97 3.78 0.82 -3.59
N PHE C 98 4.26 -0.03 -4.50
CA PHE C 98 3.93 -1.45 -4.46
C PHE C 98 4.47 -2.11 -3.20
N LEU C 99 5.71 -1.80 -2.83
CA LEU C 99 6.29 -2.47 -1.67
C LEU C 99 5.64 -2.01 -0.38
N GLY C 100 5.39 -0.71 -0.23
CA GLY C 100 4.67 -0.24 0.95
C GLY C 100 3.25 -0.75 1.00
N SER C 101 2.60 -0.88 -0.16
CA SER C 101 1.28 -1.48 -0.23
C SER C 101 1.28 -2.88 0.35
N ILE C 102 2.21 -3.71 -0.10
CA ILE C 102 2.26 -5.08 0.41
C ILE C 102 2.59 -5.07 1.90
N MET C 103 3.49 -4.19 2.33
CA MET C 103 3.87 -4.13 3.73
C MET C 103 2.68 -3.81 4.63
N LEU C 104 1.92 -2.78 4.27
CA LEU C 104 0.81 -2.38 5.14
C LEU C 104 -0.39 -3.32 4.99
N PHE C 105 -0.55 -3.95 3.82
CA PHE C 105 -1.54 -5.00 3.69
C PHE C 105 -1.23 -6.15 4.66
N VAL C 106 0.04 -6.52 4.75
CA VAL C 106 0.46 -7.54 5.72
C VAL C 106 0.23 -7.05 7.14
N PHE C 107 0.50 -5.77 7.38
CA PHE C 107 0.25 -5.19 8.70
C PHE C 107 -1.19 -5.38 9.13
N ILE C 108 -2.14 -5.00 8.27
CA ILE C 108 -3.55 -5.10 8.65
C ILE C 108 -3.98 -6.56 8.73
N THR C 109 -3.58 -7.37 7.77
CA THR C 109 -3.87 -8.80 7.76
C THR C 109 -2.83 -9.45 8.67
N ASN C 110 -2.59 -10.76 8.57
CA ASN C 110 -1.62 -11.47 9.39
C ASN C 110 -2.03 -11.46 10.85
N PRO C 111 -3.02 -12.26 11.23
CA PRO C 111 -3.51 -12.23 12.61
C PRO C 111 -2.39 -12.51 13.60
N ALA C 112 -2.08 -11.51 14.40
CA ALA C 112 -1.09 -11.55 15.45
C ALA C 112 -1.44 -10.44 16.42
N PRO C 113 -1.06 -10.54 17.70
CA PRO C 113 -1.40 -9.48 18.64
C PRO C 113 -0.94 -8.11 18.14
N TRP C 114 -1.81 -7.12 18.25
CA TRP C 114 -1.56 -5.82 17.67
C TRP C 114 -0.32 -5.18 18.28
N ILE C 115 -0.06 -5.46 19.56
CA ILE C 115 1.12 -4.89 20.21
C ILE C 115 2.39 -5.54 19.65
N PHE C 116 2.35 -6.85 19.44
CA PHE C 116 3.48 -7.54 18.81
C PHE C 116 3.79 -6.92 17.47
N LYS C 117 2.76 -6.70 16.67
CA LYS C 117 2.92 -6.22 15.31
C LYS C 117 3.40 -4.78 15.29
N ILE C 118 2.85 -3.94 16.16
CA ILE C 118 3.31 -2.56 16.28
C ILE C 118 4.76 -2.50 16.70
N LEU C 119 5.17 -3.31 17.68
CA LEU C 119 6.56 -3.33 18.09
C LEU C 119 7.45 -3.79 16.94
N PHE C 120 7.03 -4.82 16.21
CA PHE C 120 7.84 -5.31 15.11
C PHE C 120 8.02 -4.24 14.05
N TYR C 121 6.94 -3.57 13.67
CA TYR C 121 7.05 -2.57 12.62
C TYR C 121 7.79 -1.32 13.10
N CYS C 122 7.66 -0.97 14.38
CA CYS C 122 8.39 0.17 14.90
C CYS C 122 9.89 -0.11 14.94
N PHE C 123 10.26 -1.32 15.39
CA PHE C 123 11.67 -1.69 15.34
C PHE C 123 12.16 -1.75 13.90
N LEU C 124 11.33 -2.23 12.98
CA LEU C 124 11.72 -2.28 11.59
C LEU C 124 11.94 -0.88 11.02
N GLY C 125 11.09 0.07 11.41
CA GLY C 125 11.27 1.44 10.96
C GLY C 125 12.53 2.08 11.52
N THR C 126 12.76 1.91 12.82
CA THR C 126 13.95 2.51 13.41
C THR C 126 15.21 1.78 12.96
N LEU C 127 15.04 0.58 12.41
CA LEU C 127 16.17 -0.11 11.78
C LEU C 127 16.37 0.38 10.37
N PHE C 128 15.28 0.81 9.72
CA PHE C 128 15.33 1.33 8.36
C PHE C 128 15.92 2.73 8.33
N ILE C 129 15.81 3.46 9.45
CA ILE C 129 16.09 4.90 9.40
C ILE C 129 17.49 5.26 9.86
N ILE C 130 18.20 4.36 10.52
CA ILE C 130 19.54 4.65 11.04
C ILE C 130 20.58 4.23 10.01
N PRO C 131 21.42 5.17 9.53
CA PRO C 131 22.17 4.98 8.28
C PRO C 131 22.82 3.62 8.01
N ALA C 132 23.57 3.03 8.94
CA ALA C 132 24.25 1.77 8.64
C ALA C 132 23.26 0.62 8.51
N THR C 133 22.53 0.35 9.59
CA THR C 133 21.48 -0.63 9.49
C THR C 133 20.43 -0.18 8.47
N SER C 134 20.35 1.13 8.21
CA SER C 134 19.44 1.60 7.17
C SER C 134 19.83 1.04 5.82
N GLN C 135 21.09 1.21 5.42
CA GLN C 135 21.48 0.70 4.11
C GLN C 135 21.27 -0.80 4.05
N PHE C 136 21.69 -1.53 5.08
CA PHE C 136 21.49 -2.98 5.01
C PHE C 136 20.02 -3.33 4.83
N PHE C 137 19.19 -2.97 5.81
CA PHE C 137 17.81 -3.46 5.78
C PHE C 137 16.93 -2.76 4.74
N PHE C 138 17.18 -1.49 4.43
CA PHE C 138 16.45 -0.83 3.37
C PHE C 138 16.72 -1.50 2.02
N ASN C 139 17.97 -1.88 1.75
CA ASN C 139 18.17 -2.66 0.54
C ASN C 139 17.54 -4.03 0.66
N ALA C 140 17.52 -4.60 1.86
CA ALA C 140 16.92 -5.92 2.06
C ALA C 140 15.41 -5.91 1.92
N LEU C 141 14.80 -4.72 1.90
CA LEU C 141 13.34 -4.53 1.86
C LEU C 141 12.55 -5.57 1.06
N PRO C 142 12.88 -5.83 -0.21
CA PRO C 142 12.08 -6.82 -0.95
C PRO C 142 12.08 -8.21 -0.34
N ILE C 143 13.19 -8.62 0.29
CA ILE C 143 13.24 -9.90 0.98
C ILE C 143 12.25 -9.92 2.13
N LEU C 144 12.20 -8.83 2.89
CA LEU C 144 11.24 -8.73 3.97
C LEU C 144 9.81 -8.79 3.45
N THR C 145 9.56 -8.11 2.33
CA THR C 145 8.23 -8.15 1.74
C THR C 145 7.85 -9.55 1.33
N TRP C 146 8.78 -10.27 0.70
CA TRP C 146 8.57 -11.66 0.37
C TRP C 146 8.20 -12.50 1.59
N VAL C 147 9.01 -12.41 2.65
CA VAL C 147 8.78 -13.25 3.82
C VAL C 147 7.42 -12.93 4.45
N ALA C 148 7.15 -11.65 4.64
CA ALA C 148 5.90 -11.24 5.27
C ALA C 148 4.71 -11.67 4.44
N LEU C 149 4.77 -11.46 3.13
CA LEU C 149 3.65 -11.84 2.29
C LEU C 149 3.46 -13.34 2.25
N TYR C 150 4.55 -14.10 2.31
CA TYR C 150 4.43 -15.54 2.32
C TYR C 150 3.68 -16.02 3.54
N PHE C 151 4.07 -15.54 4.72
CA PHE C 151 3.38 -16.02 5.93
C PHE C 151 1.95 -15.49 6.01
N THR C 152 1.75 -14.22 5.66
CA THR C 152 0.40 -13.69 5.61
C THR C 152 -0.47 -14.51 4.66
N SER C 153 0.07 -14.89 3.50
CA SER C 153 -0.68 -15.72 2.56
C SER C 153 -0.97 -17.08 3.16
N SER C 154 -0.07 -17.57 4.00
CA SER C 154 -0.41 -18.76 4.79
C SER C 154 -1.64 -18.50 5.63
N TYR C 155 -1.90 -17.23 5.97
CA TYR C 155 -3.10 -16.88 6.72
C TYR C 155 -4.23 -16.27 5.86
N PHE C 156 -4.30 -16.56 4.56
CA PHE C 156 -5.47 -16.17 3.76
C PHE C 156 -6.62 -17.13 4.03
N PRO C 157 -7.88 -16.74 3.74
CA PRO C 157 -8.99 -17.65 4.00
C PRO C 157 -9.17 -18.70 2.92
N ASP C 158 -9.78 -19.82 3.30
CA ASP C 158 -9.76 -21.04 2.50
C ASP C 158 -10.49 -20.89 1.17
N ASP C 159 -11.64 -20.23 1.16
CA ASP C 159 -12.51 -20.19 -0.01
C ASP C 159 -12.50 -18.83 -0.70
N ARG C 160 -11.42 -18.07 -0.56
CA ARG C 160 -11.24 -16.82 -1.29
C ARG C 160 -10.02 -16.90 -2.22
N ARG C 161 -9.58 -18.11 -2.52
CA ARG C 161 -8.41 -18.32 -3.37
C ARG C 161 -8.76 -19.34 -4.45
N PRO C 162 -8.11 -19.26 -5.60
CA PRO C 162 -8.61 -19.97 -6.80
C PRO C 162 -8.63 -21.47 -6.61
N PRO C 163 -9.33 -22.19 -7.48
CA PRO C 163 -9.37 -23.65 -7.37
C PRO C 163 -8.10 -24.30 -7.89
N ILE C 164 -7.88 -25.56 -7.47
CA ILE C 164 -6.62 -26.24 -7.75
C ILE C 164 -6.65 -26.90 -9.12
N THR C 165 -5.61 -26.63 -9.91
CA THR C 165 -5.47 -27.20 -11.25
C THR C 165 -4.52 -28.39 -11.17
N VAL C 166 -5.08 -29.60 -11.24
CA VAL C 166 -4.30 -30.81 -11.07
C VAL C 166 -4.00 -31.43 -12.43
N LYS C 167 -4.25 -30.69 -13.50
CA LYS C 167 -4.20 -31.27 -14.83
C LYS C 167 -3.46 -30.37 -15.81
N VAL C 168 -3.14 -29.15 -15.39
CA VAL C 168 -2.55 -28.20 -16.34
C VAL C 168 -1.06 -28.43 -16.48
N LEU C 169 -0.35 -28.58 -15.36
CA LEU C 169 1.10 -28.79 -15.42
C LEU C 169 1.48 -30.07 -16.14
N PRO C 170 0.87 -31.23 -15.88
CA PRO C 170 1.22 -32.41 -16.67
C PRO C 170 0.93 -32.17 -18.14
N ALA C 171 -0.12 -31.41 -18.44
CA ALA C 171 -0.45 -31.14 -19.82
C ALA C 171 0.64 -30.35 -20.51
N VAL C 172 1.04 -29.23 -19.91
CA VAL C 172 2.07 -28.42 -20.53
C VAL C 172 3.36 -29.21 -20.62
N GLU C 173 3.66 -30.03 -19.62
CA GLU C 173 4.94 -30.75 -19.64
C GLU C 173 4.96 -31.82 -20.71
N THR C 174 3.93 -32.66 -20.77
CA THR C 174 3.89 -33.71 -21.79
C THR C 174 3.78 -33.09 -23.18
N ILE C 175 3.25 -31.88 -23.28
CA ILE C 175 3.08 -31.29 -24.60
C ILE C 175 4.36 -30.64 -25.09
N LEU C 176 5.07 -29.94 -24.22
CA LEU C 176 6.23 -29.17 -24.65
C LEU C 176 7.57 -29.87 -24.42
N TYR C 177 7.63 -30.89 -23.56
CA TYR C 177 8.89 -31.51 -23.20
C TYR C 177 8.85 -33.02 -23.35
N GLY C 178 7.93 -33.55 -24.14
CA GLY C 178 7.94 -34.98 -24.33
C GLY C 178 7.16 -35.74 -23.29
N ASP C 179 7.86 -36.23 -22.28
CA ASP C 179 7.26 -37.08 -21.27
C ASP C 179 7.28 -36.40 -19.90
N ASN C 180 6.66 -37.05 -18.93
CA ASN C 180 6.66 -36.59 -17.55
C ASN C 180 8.05 -36.81 -16.96
N LEU C 181 8.90 -35.79 -17.04
CA LEU C 181 10.30 -35.99 -16.69
C LEU C 181 10.50 -36.35 -15.23
N SER C 182 9.61 -35.91 -14.35
CA SER C 182 9.73 -36.31 -12.95
C SER C 182 9.59 -37.81 -12.81
N ASP C 183 8.62 -38.41 -13.50
CA ASP C 183 8.51 -39.86 -13.48
C ASP C 183 9.72 -40.51 -14.11
N ILE C 184 10.25 -39.92 -15.18
CA ILE C 184 11.45 -40.44 -15.82
C ILE C 184 12.61 -40.54 -14.84
N LEU C 185 12.87 -39.45 -14.11
CA LEU C 185 14.00 -39.49 -13.19
C LEU C 185 13.70 -40.25 -11.91
N ALA C 186 12.43 -40.50 -11.59
CA ALA C 186 12.10 -41.27 -10.41
C ALA C 186 11.74 -42.73 -10.70
N THR C 187 11.93 -43.22 -11.92
CA THR C 187 11.60 -44.61 -12.22
C THR C 187 12.36 -45.59 -11.36
N SER C 188 13.64 -45.30 -11.09
CA SER C 188 14.46 -46.24 -10.33
C SER C 188 15.21 -45.52 -9.23
N THR C 189 14.96 -45.91 -7.99
CA THR C 189 15.48 -45.21 -6.83
C THR C 189 16.28 -46.14 -5.94
N ASN C 190 17.23 -45.54 -5.22
CA ASN C 190 18.01 -46.28 -4.22
C ASN C 190 18.42 -45.34 -3.10
N SER C 191 19.38 -45.75 -2.27
CA SER C 191 19.82 -44.94 -1.14
C SER C 191 20.85 -43.88 -1.51
N PHE C 192 21.83 -44.24 -2.36
CA PHE C 192 22.83 -43.27 -2.77
C PHE C 192 22.19 -42.09 -3.49
N LEU C 193 21.25 -42.38 -4.39
CA LEU C 193 20.54 -41.32 -5.09
C LEU C 193 19.67 -40.53 -4.13
N ASP C 194 19.10 -41.20 -3.12
CA ASP C 194 18.31 -40.47 -2.15
C ASP C 194 19.15 -39.42 -1.45
N ILE C 195 20.36 -39.79 -1.03
CA ILE C 195 21.26 -38.79 -0.42
C ILE C 195 21.66 -37.73 -1.44
N LEU C 196 21.98 -38.14 -2.67
CA LEU C 196 22.40 -37.21 -3.70
C LEU C 196 21.33 -36.19 -4.03
N ALA C 197 20.06 -36.54 -3.82
CA ALA C 197 19.00 -35.57 -4.02
C ALA C 197 18.72 -34.80 -2.74
N TRP C 198 18.95 -35.41 -1.58
CA TRP C 198 18.69 -34.74 -0.33
C TRP C 198 19.59 -33.54 -0.13
N LEU C 199 20.86 -33.65 -0.53
CA LEU C 199 21.77 -32.53 -0.31
C LEU C 199 21.27 -31.20 -0.89
N PRO C 200 21.14 -31.04 -2.20
CA PRO C 200 20.81 -29.71 -2.72
C PRO C 200 19.39 -29.27 -2.42
N TYR C 201 18.50 -30.21 -2.07
CA TYR C 201 17.14 -29.85 -1.72
C TYR C 201 17.06 -29.27 -0.32
N GLY C 202 17.54 -30.01 0.67
CA GLY C 202 17.36 -29.63 2.05
C GLY C 202 18.53 -28.98 2.73
N LEU C 203 19.72 -28.98 2.15
CA LEU C 203 20.85 -28.34 2.85
C LEU C 203 21.39 -27.14 2.09
N PHE C 204 21.82 -27.36 0.85
CA PHE C 204 22.49 -26.27 0.14
C PHE C 204 21.49 -25.22 -0.28
N HIS C 205 20.25 -25.60 -0.53
CA HIS C 205 19.22 -24.62 -0.84
C HIS C 205 19.09 -23.61 0.29
N PHE C 206 19.10 -24.07 1.54
CA PHE C 206 18.91 -23.16 2.65
C PHE C 206 20.18 -22.42 2.99
N GLY C 207 21.34 -23.05 2.79
CA GLY C 207 22.58 -22.38 3.13
C GLY C 207 23.09 -21.46 2.05
N ALA C 208 22.53 -21.55 0.85
CA ALA C 208 23.14 -20.88 -0.30
C ALA C 208 22.89 -19.38 -0.34
N PRO C 209 21.69 -18.87 -0.05
CA PRO C 209 21.52 -17.40 -0.12
C PRO C 209 22.50 -16.64 0.76
N PHE C 210 22.76 -17.12 1.98
CA PHE C 210 23.70 -16.42 2.85
C PHE C 210 25.14 -16.55 2.36
N VAL C 211 25.52 -17.73 1.86
CA VAL C 211 26.88 -17.89 1.32
C VAL C 211 27.06 -17.00 0.10
N VAL C 212 26.03 -16.90 -0.74
CA VAL C 212 26.10 -16.01 -1.89
C VAL C 212 26.26 -14.57 -1.42
N ALA C 213 25.52 -14.18 -0.39
CA ALA C 213 25.68 -12.81 0.12
C ALA C 213 27.10 -12.57 0.60
N ALA C 214 27.66 -13.51 1.37
CA ALA C 214 29.01 -13.32 1.90
C ALA C 214 30.05 -13.25 0.79
N ILE C 215 29.97 -14.18 -0.17
CA ILE C 215 30.98 -14.23 -1.22
C ILE C 215 30.83 -13.05 -2.16
N LEU C 216 29.60 -12.67 -2.51
CA LEU C 216 29.40 -11.50 -3.36
C LEU C 216 29.82 -10.23 -2.64
N PHE C 217 29.72 -10.20 -1.32
CA PHE C 217 30.14 -9.02 -0.58
C PHE C 217 31.65 -8.87 -0.53
N VAL C 218 32.35 -9.97 -0.29
CA VAL C 218 33.81 -9.87 -0.20
C VAL C 218 34.46 -9.81 -1.57
N PHE C 219 34.21 -10.80 -2.42
CA PHE C 219 34.88 -10.89 -3.71
C PHE C 219 34.19 -10.09 -4.81
N GLY C 220 32.91 -9.84 -4.71
CA GLY C 220 32.24 -9.02 -5.68
C GLY C 220 32.61 -7.56 -5.52
N PRO C 221 32.24 -6.76 -6.51
CA PRO C 221 32.43 -5.32 -6.39
C PRO C 221 31.49 -4.75 -5.35
N PRO C 222 31.74 -3.55 -4.87
CA PRO C 222 30.77 -2.88 -4.01
C PRO C 222 29.43 -2.71 -4.73
N THR C 223 28.35 -2.79 -3.95
CA THR C 223 26.97 -2.59 -4.36
C THR C 223 26.42 -3.74 -5.20
N VAL C 224 27.20 -4.81 -5.37
CA VAL C 224 26.67 -5.97 -6.07
C VAL C 224 25.60 -6.59 -5.20
N LEU C 225 25.80 -6.54 -3.88
CA LEU C 225 24.85 -7.12 -2.96
C LEU C 225 23.53 -6.39 -2.95
N GLN C 226 23.53 -5.08 -3.25
CA GLN C 226 22.26 -4.38 -3.39
C GLN C 226 21.44 -4.96 -4.52
N GLY C 227 22.05 -5.15 -5.68
CA GLY C 227 21.35 -5.76 -6.80
C GLY C 227 20.94 -7.18 -6.50
N TYR C 228 21.77 -7.91 -5.76
CA TYR C 228 21.40 -9.26 -5.36
C TYR C 228 20.14 -9.24 -4.51
N ALA C 229 20.09 -8.34 -3.52
CA ALA C 229 18.91 -8.26 -2.66
C ALA C 229 17.67 -7.89 -3.47
N PHE C 230 17.81 -6.90 -4.36
CA PHE C 230 16.68 -6.47 -5.17
C PHE C 230 16.15 -7.61 -6.04
N ALA C 231 17.04 -8.27 -6.79
CA ALA C 231 16.61 -9.35 -7.68
C ALA C 231 16.07 -10.54 -6.91
N PHE C 232 16.74 -10.96 -5.84
CA PHE C 232 16.25 -12.08 -5.05
C PHE C 232 14.87 -11.79 -4.49
N GLY C 233 14.69 -10.59 -3.93
CA GLY C 233 13.40 -10.25 -3.35
C GLY C 233 12.29 -10.24 -4.38
N TYR C 234 12.52 -9.59 -5.52
CA TYR C 234 11.43 -9.47 -6.49
C TYR C 234 11.15 -10.82 -7.15
N MET C 235 12.17 -11.63 -7.38
CA MET C 235 11.95 -12.98 -7.85
C MET C 235 11.05 -13.77 -6.91
N ASN C 236 11.39 -13.79 -5.62
CA ASN C 236 10.58 -14.57 -4.70
C ASN C 236 9.19 -13.97 -4.54
N LEU C 237 9.07 -12.65 -4.64
CA LEU C 237 7.76 -12.01 -4.50
C LEU C 237 6.85 -12.38 -5.67
N PHE C 238 7.33 -12.23 -6.90
CA PHE C 238 6.53 -12.65 -8.04
C PHE C 238 6.24 -14.13 -7.99
N GLY C 239 7.18 -14.93 -7.47
CA GLY C 239 6.90 -16.35 -7.33
C GLY C 239 5.74 -16.61 -6.39
N VAL C 240 5.72 -15.94 -5.25
CA VAL C 240 4.62 -16.13 -4.30
C VAL C 240 3.30 -15.65 -4.91
N ILE C 241 3.34 -14.53 -5.61
CA ILE C 241 2.12 -14.00 -6.21
C ILE C 241 1.57 -14.97 -7.25
N MET C 242 2.44 -15.52 -8.10
CA MET C 242 1.98 -16.47 -9.10
C MET C 242 1.60 -17.82 -8.53
N GLN C 243 2.19 -18.21 -7.40
CA GLN C 243 1.74 -19.42 -6.73
C GLN C 243 0.36 -19.24 -6.11
N ASN C 244 0.05 -18.06 -5.62
CA ASN C 244 -1.29 -17.81 -5.08
C ASN C 244 -2.33 -17.62 -6.17
N VAL C 245 -1.96 -16.96 -7.28
CA VAL C 245 -2.89 -16.78 -8.39
C VAL C 245 -3.22 -18.12 -9.04
N PHE C 246 -2.23 -18.95 -9.28
CA PHE C 246 -2.40 -20.19 -10.03
C PHE C 246 -1.94 -21.39 -9.20
N PRO C 247 -2.86 -22.06 -8.50
CA PRO C 247 -2.46 -23.23 -7.72
C PRO C 247 -2.34 -24.47 -8.60
N ALA C 248 -1.49 -25.40 -8.17
CA ALA C 248 -1.18 -26.57 -8.98
C ALA C 248 -0.67 -27.69 -8.09
N ALA C 249 -1.05 -28.93 -8.40
CA ALA C 249 -0.68 -30.06 -7.57
C ALA C 249 0.63 -30.67 -8.05
N PRO C 250 1.63 -30.80 -7.19
CA PRO C 250 2.94 -31.29 -7.61
C PRO C 250 2.90 -32.76 -8.00
N PRO C 251 3.97 -33.29 -8.61
CA PRO C 251 3.88 -34.62 -9.23
C PRO C 251 3.49 -35.75 -8.30
N TRP C 252 3.90 -35.71 -7.03
CA TRP C 252 3.51 -36.79 -6.14
C TRP C 252 2.00 -36.88 -6.03
N TYR C 253 1.29 -35.79 -6.33
CA TYR C 253 -0.16 -35.86 -6.35
C TYR C 253 -0.65 -36.80 -7.44
N LYS C 254 -0.09 -36.69 -8.63
CA LYS C 254 -0.48 -37.59 -9.70
C LYS C 254 -0.01 -39.01 -9.42
N ILE C 255 1.15 -39.14 -8.77
CA ILE C 255 1.65 -40.46 -8.41
C ILE C 255 0.69 -41.14 -7.44
N LEU C 256 0.24 -40.41 -6.42
CA LEU C 256 -0.53 -41.00 -5.35
C LEU C 256 -2.01 -41.11 -5.71
N TYR C 257 -2.67 -39.98 -5.94
CA TYR C 257 -4.09 -39.97 -6.24
C TYR C 257 -4.39 -40.14 -7.73
N GLY C 258 -3.59 -39.55 -8.60
CA GLY C 258 -3.80 -39.73 -10.02
C GLY C 258 -4.16 -38.45 -10.74
N LEU C 259 -5.39 -38.40 -11.27
CA LEU C 259 -5.83 -37.26 -12.05
C LEU C 259 -7.01 -36.54 -11.43
N GLN C 260 -7.62 -37.09 -10.38
CA GLN C 260 -8.86 -36.54 -9.85
C GLN C 260 -8.65 -35.17 -9.22
N SER C 261 -9.75 -34.53 -8.85
CA SER C 261 -9.74 -33.12 -8.45
C SER C 261 -9.40 -32.96 -6.97
N ALA C 262 -8.64 -31.92 -6.66
CA ALA C 262 -8.17 -31.68 -5.30
C ALA C 262 -9.08 -30.76 -4.53
N ASN C 263 -8.61 -30.31 -3.36
CA ASN C 263 -9.27 -29.30 -2.55
C ASN C 263 -8.32 -28.89 -1.44
N TYR C 264 -8.53 -27.74 -0.83
CA TYR C 264 -7.54 -27.28 0.15
C TYR C 264 -7.67 -27.99 1.49
N ASP C 265 -8.40 -29.08 1.62
CA ASP C 265 -8.51 -29.76 2.90
C ASP C 265 -7.86 -31.14 2.86
N MET C 266 -6.70 -31.23 2.20
CA MET C 266 -5.91 -32.45 2.21
C MET C 266 -4.49 -32.10 2.58
N HIS C 267 -3.78 -33.05 3.18
CA HIS C 267 -2.43 -32.81 3.66
C HIS C 267 -1.40 -33.17 2.59
N GLY C 268 -0.30 -32.43 2.59
CA GLY C 268 0.77 -32.67 1.64
C GLY C 268 1.51 -33.94 1.95
N SER C 269 2.51 -34.22 1.12
CA SER C 269 3.31 -35.43 1.26
C SER C 269 4.75 -35.09 0.96
N PRO C 270 5.69 -35.78 1.59
CA PRO C 270 7.10 -35.52 1.30
C PRO C 270 7.54 -35.91 -0.10
N GLY C 271 7.35 -37.16 -0.48
CA GLY C 271 7.95 -37.67 -1.70
C GLY C 271 9.08 -38.62 -1.39
N GLY C 272 10.33 -38.20 -1.67
CA GLY C 272 11.48 -39.00 -1.31
C GLY C 272 12.15 -38.58 -0.02
N LEU C 273 11.82 -37.39 0.47
CA LEU C 273 12.28 -37.05 1.79
C LEU C 273 11.70 -37.97 2.85
N ALA C 274 10.63 -38.70 2.52
CA ALA C 274 10.16 -39.78 3.40
C ALA C 274 11.20 -40.89 3.47
N ARG C 275 11.80 -41.25 2.34
CA ARG C 275 12.87 -42.22 2.35
C ARG C 275 14.08 -41.71 3.12
N ILE C 276 14.37 -40.41 3.00
CA ILE C 276 15.46 -39.82 3.79
C ILE C 276 15.14 -39.92 5.27
N ASP C 277 13.89 -39.66 5.66
CA ASP C 277 13.51 -39.78 7.06
C ASP C 277 13.68 -41.21 7.55
N LYS C 278 13.28 -42.19 6.74
CA LYS C 278 13.45 -43.58 7.16
C LYS C 278 14.93 -43.94 7.29
N LEU C 279 15.71 -43.39 6.39
CA LEU C 279 17.12 -43.66 6.38
C LEU C 279 17.70 -43.30 7.67
N LEU C 280 17.80 -42.01 7.98
CA LEU C 280 18.34 -41.56 9.25
C LEU C 280 17.34 -41.40 10.34
N GLY C 281 16.61 -42.43 10.58
CA GLY C 281 15.64 -42.49 11.62
C GLY C 281 14.83 -41.42 12.27
N ILE C 282 14.69 -40.23 11.74
CA ILE C 282 13.89 -39.24 12.45
C ILE C 282 12.40 -39.30 12.12
N ASN C 283 11.86 -38.16 11.73
CA ASN C 283 10.54 -37.92 11.26
C ASN C 283 10.60 -36.50 10.92
N MET C 284 11.79 -36.11 10.69
CA MET C 284 12.13 -34.73 10.31
C MET C 284 11.21 -34.09 9.28
N TYR C 285 10.87 -34.82 8.21
CA TYR C 285 10.19 -34.24 7.06
C TYR C 285 8.73 -34.64 6.91
N THR C 286 8.34 -35.84 7.32
CA THR C 286 6.95 -36.27 7.11
C THR C 286 5.97 -35.36 7.85
N THR C 287 6.21 -35.13 9.15
CA THR C 287 5.34 -34.25 9.92
C THR C 287 5.44 -32.82 9.41
N ALA C 288 6.65 -32.38 9.10
CA ALA C 288 6.86 -31.00 8.67
C ALA C 288 6.17 -30.69 7.34
N PHE C 289 6.04 -31.67 6.44
CA PHE C 289 5.34 -31.48 5.18
C PHE C 289 3.84 -31.68 5.32
N SER C 290 3.42 -32.74 6.00
CA SER C 290 2.03 -33.16 5.97
C SER C 290 1.10 -32.22 6.72
N ASN C 291 1.62 -31.08 7.19
CA ASN C 291 0.77 -30.05 7.77
C ASN C 291 1.24 -28.68 7.28
N SER C 292 1.60 -28.61 6.00
CA SER C 292 2.05 -27.38 5.38
C SER C 292 0.87 -26.68 4.72
N SER C 293 1.10 -25.44 4.27
CA SER C 293 0.06 -24.61 3.69
C SER C 293 0.35 -24.24 2.24
N VAL C 294 1.43 -24.77 1.68
CA VAL C 294 1.81 -24.48 0.30
C VAL C 294 1.86 -25.80 -0.45
N ILE C 295 0.95 -26.71 -0.08
CA ILE C 295 0.87 -27.99 -0.76
C ILE C 295 0.69 -27.79 -2.26
N PHE C 296 -0.27 -26.97 -2.64
CA PHE C 296 -0.51 -26.66 -4.05
C PHE C 296 0.13 -25.31 -4.32
N GLY C 297 1.46 -25.29 -4.28
CA GLY C 297 2.23 -24.11 -4.54
C GLY C 297 3.42 -24.45 -5.42
N ALA C 298 3.22 -25.38 -6.34
CA ALA C 298 4.29 -25.93 -7.17
C ALA C 298 4.32 -25.29 -8.55
N PHE C 299 4.01 -23.99 -8.64
CA PHE C 299 4.21 -23.25 -9.88
C PHE C 299 4.24 -21.76 -9.61
N PRO C 300 5.30 -21.04 -9.99
CA PRO C 300 6.53 -21.59 -10.56
C PRO C 300 7.37 -22.23 -9.48
N SER C 301 8.48 -22.85 -9.86
CA SER C 301 9.41 -23.37 -8.88
C SER C 301 10.11 -22.24 -8.17
N LEU C 302 10.33 -22.41 -6.87
CA LEU C 302 11.16 -21.49 -6.13
C LEU C 302 12.52 -22.08 -5.80
N HIS C 303 12.61 -23.41 -5.67
CA HIS C 303 13.92 -24.05 -5.61
C HIS C 303 14.73 -23.73 -6.86
N SER C 304 14.14 -23.96 -8.03
CA SER C 304 14.80 -23.67 -9.29
C SER C 304 15.07 -22.19 -9.49
N GLY C 305 14.12 -21.34 -9.12
CA GLY C 305 14.36 -19.91 -9.24
C GLY C 305 15.53 -19.45 -8.40
N CYS C 306 15.55 -19.88 -7.13
CA CYS C 306 16.66 -19.50 -6.27
C CYS C 306 17.99 -20.04 -6.78
N ALA C 307 18.01 -21.32 -7.20
CA ALA C 307 19.25 -21.89 -7.70
C ALA C 307 19.73 -21.15 -8.93
N THR C 308 18.82 -20.81 -9.84
CA THR C 308 19.21 -20.08 -11.03
C THR C 308 19.71 -18.68 -10.69
N MET C 309 19.07 -18.00 -9.74
CA MET C 309 19.53 -16.67 -9.38
C MET C 309 20.91 -16.71 -8.75
N GLU C 310 21.13 -17.64 -7.84
CA GLU C 310 22.44 -17.75 -7.20
C GLU C 310 23.51 -18.09 -8.21
N ALA C 311 23.23 -19.03 -9.12
CA ALA C 311 24.22 -19.39 -10.13
C ALA C 311 24.48 -18.28 -11.12
N LEU C 312 23.44 -17.53 -11.51
CA LEU C 312 23.66 -16.38 -12.37
C LEU C 312 24.52 -15.34 -11.70
N PHE C 313 24.33 -15.12 -10.39
CA PHE C 313 25.17 -14.14 -9.74
C PHE C 313 26.61 -14.63 -9.54
N PHE C 314 26.78 -15.94 -9.38
CA PHE C 314 28.12 -16.49 -9.27
C PHE C 314 28.84 -16.36 -10.62
N CYS C 315 28.11 -16.65 -11.70
CA CYS C 315 28.64 -16.55 -13.05
C CYS C 315 28.84 -15.12 -13.49
N TYR C 316 28.14 -14.18 -12.85
CA TYR C 316 28.38 -12.77 -13.11
C TYR C 316 29.63 -12.26 -12.39
N CYS C 317 29.75 -12.55 -11.11
CA CYS C 317 30.91 -12.16 -10.33
C CYS C 317 32.15 -12.98 -10.61
N PHE C 318 32.02 -14.29 -10.80
CA PHE C 318 33.16 -15.16 -11.11
C PHE C 318 32.97 -15.76 -12.49
N PRO C 319 33.54 -15.17 -13.53
CA PRO C 319 33.29 -15.68 -14.87
C PRO C 319 34.31 -16.70 -15.34
N LYS C 320 35.19 -17.15 -14.44
CA LYS C 320 36.26 -18.07 -14.81
C LYS C 320 35.96 -19.52 -14.49
N LEU C 321 35.30 -19.80 -13.37
CA LEU C 321 34.99 -21.17 -12.96
C LEU C 321 33.50 -21.46 -13.10
N LYS C 322 32.91 -20.91 -14.13
CA LYS C 322 31.49 -20.95 -14.49
C LYS C 322 30.87 -22.33 -14.68
N PRO C 323 31.54 -23.33 -15.28
CA PRO C 323 30.87 -24.62 -15.47
C PRO C 323 30.41 -25.26 -14.17
N LEU C 324 31.08 -24.90 -13.08
CA LEU C 324 30.74 -25.43 -11.77
C LEU C 324 29.32 -25.06 -11.40
N PHE C 325 28.94 -23.81 -11.64
CA PHE C 325 27.62 -23.36 -11.21
C PHE C 325 26.53 -23.93 -12.09
N ILE C 326 26.78 -24.11 -13.38
CA ILE C 326 25.79 -24.77 -14.23
C ILE C 326 25.61 -26.21 -13.81
N ALA C 327 26.70 -26.91 -13.48
CA ALA C 327 26.56 -28.26 -12.96
C ALA C 327 25.76 -28.27 -11.67
N TYR C 328 25.96 -27.27 -10.82
CA TYR C 328 25.20 -27.19 -9.58
C TYR C 328 23.71 -27.04 -9.86
N VAL C 329 23.35 -26.16 -10.81
CA VAL C 329 21.94 -25.97 -11.11
C VAL C 329 21.32 -27.23 -11.68
N CYS C 330 22.02 -27.91 -12.60
CA CYS C 330 21.49 -29.16 -13.12
C CYS C 330 21.34 -30.21 -12.03
N TRP C 331 22.27 -30.24 -11.07
CA TRP C 331 22.15 -31.10 -9.91
C TRP C 331 20.88 -30.77 -9.12
N LEU C 332 20.59 -29.48 -8.95
CA LEU C 332 19.43 -29.11 -8.15
C LEU C 332 18.13 -29.45 -8.89
N TRP C 333 18.08 -29.22 -10.21
CA TRP C 333 16.89 -29.61 -10.97
C TRP C 333 16.66 -31.10 -10.92
N TRP C 334 17.72 -31.90 -11.09
CA TRP C 334 17.54 -33.34 -10.95
C TRP C 334 17.06 -33.68 -9.57
N SER C 335 17.59 -33.02 -8.54
CA SER C 335 17.17 -33.32 -7.18
C SER C 335 15.71 -33.02 -6.97
N THR C 336 15.24 -31.92 -7.54
CA THR C 336 13.84 -31.54 -7.36
C THR C 336 12.89 -32.44 -8.11
N MET C 337 13.22 -32.87 -9.32
CA MET C 337 12.36 -33.80 -10.02
C MET C 337 12.55 -35.25 -9.58
N TYR C 338 13.62 -35.57 -8.88
CA TYR C 338 13.81 -36.90 -8.34
C TYR C 338 12.85 -37.17 -7.20
N LEU C 339 12.75 -36.22 -6.26
CA LEU C 339 11.92 -36.42 -5.09
C LEU C 339 10.44 -36.22 -5.41
N THR C 340 10.13 -36.00 -6.69
CA THR C 340 8.76 -35.84 -7.16
C THR C 340 8.10 -34.63 -6.50
N HIS C 341 8.80 -33.51 -6.53
CA HIS C 341 8.31 -32.27 -5.98
C HIS C 341 8.03 -31.22 -7.05
N HIS C 342 8.37 -31.47 -8.30
CA HIS C 342 8.20 -30.48 -9.34
C HIS C 342 8.06 -31.17 -10.68
N TYR C 343 7.39 -30.51 -11.60
CA TYR C 343 7.43 -30.85 -13.02
C TYR C 343 8.54 -30.02 -13.65
N PHE C 344 8.89 -30.36 -14.88
CA PHE C 344 9.94 -29.57 -15.52
C PHE C 344 9.46 -28.20 -15.95
N VAL C 345 8.18 -28.06 -16.29
CA VAL C 345 7.65 -26.74 -16.59
C VAL C 345 7.67 -25.86 -15.35
N ASP C 346 7.54 -26.45 -14.17
CA ASP C 346 7.67 -25.70 -12.93
C ASP C 346 9.03 -25.05 -12.85
N LEU C 347 10.07 -25.87 -13.00
CA LEU C 347 11.43 -25.39 -12.91
C LEU C 347 11.72 -24.37 -14.00
N MET C 348 11.06 -24.51 -15.16
CA MET C 348 11.38 -23.60 -16.25
C MET C 348 10.66 -22.27 -16.11
N ALA C 349 9.45 -22.27 -15.57
CA ALA C 349 8.84 -21.00 -15.19
C ALA C 349 9.72 -20.29 -14.17
N GLY C 350 10.18 -21.02 -13.16
CA GLY C 350 11.05 -20.40 -12.17
C GLY C 350 12.33 -19.85 -12.77
N SER C 351 12.98 -20.65 -13.62
CA SER C 351 14.24 -20.27 -14.23
C SER C 351 14.12 -19.12 -15.23
N VAL C 352 13.09 -19.10 -16.07
CA VAL C 352 12.90 -17.96 -16.96
C VAL C 352 12.52 -16.70 -16.21
N LEU C 353 11.71 -16.80 -15.17
CA LEU C 353 11.45 -15.64 -14.32
C LEU C 353 12.75 -15.09 -13.75
N SER C 354 13.56 -15.97 -13.16
CA SER C 354 14.82 -15.53 -12.58
C SER C 354 15.76 -14.96 -13.63
N TYR C 355 15.76 -15.56 -14.82
CA TYR C 355 16.66 -15.11 -15.87
C TYR C 355 16.30 -13.71 -16.33
N VAL C 356 15.02 -13.45 -16.58
CA VAL C 356 14.63 -12.11 -17.04
C VAL C 356 14.88 -11.09 -15.94
N ILE C 357 14.53 -11.42 -14.70
CA ILE C 357 14.80 -10.51 -13.59
C ILE C 357 16.27 -10.18 -13.52
N PHE C 358 17.14 -11.20 -13.60
CA PHE C 358 18.57 -10.93 -13.50
C PHE C 358 19.08 -10.14 -14.68
N GLN C 359 18.53 -10.37 -15.88
CA GLN C 359 18.98 -9.60 -17.04
C GLN C 359 18.67 -8.12 -16.87
N TYR C 360 17.45 -7.81 -16.41
CA TYR C 360 17.14 -6.43 -16.07
C TYR C 360 18.12 -5.89 -15.04
N THR C 361 18.29 -6.62 -13.95
CA THR C 361 19.07 -6.12 -12.82
C THR C 361 20.54 -6.00 -13.19
N LYS C 362 21.00 -6.75 -14.20
CA LYS C 362 22.40 -6.70 -14.60
C LYS C 362 22.66 -5.60 -15.62
N TYR C 363 21.77 -5.44 -16.58
CA TYR C 363 21.86 -4.32 -17.51
C TYR C 363 21.22 -3.08 -16.94
N THR C 364 21.12 -3.03 -15.62
CA THR C 364 20.67 -1.91 -14.81
C THR C 364 21.51 -1.99 -13.55
N HIS C 365 20.94 -1.49 -12.45
CA HIS C 365 21.53 -1.41 -11.12
C HIS C 365 22.92 -1.99 -10.90
N LEU C 366 23.12 -3.23 -11.33
CA LEU C 366 24.39 -3.92 -11.09
C LEU C 366 25.57 -3.17 -11.73
N PRO C 367 26.76 -3.25 -11.11
CA PRO C 367 27.93 -2.59 -11.68
C PRO C 367 28.71 -3.49 -12.62
N ILE C 368 29.79 -2.98 -13.20
CA ILE C 368 30.61 -3.77 -14.10
C ILE C 368 31.75 -4.42 -13.32
N VAL C 369 31.77 -5.75 -13.31
CA VAL C 369 32.80 -6.48 -12.60
C VAL C 369 34.14 -6.28 -13.29
N ASP C 370 35.20 -6.20 -12.49
CA ASP C 370 36.55 -6.20 -13.01
C ASP C 370 37.16 -7.58 -12.83
N THR C 371 38.16 -7.89 -13.65
CA THR C 371 38.78 -9.20 -13.60
C THR C 371 40.18 -9.20 -13.00
N SER C 372 40.84 -8.04 -12.88
CA SER C 372 42.17 -8.00 -12.29
C SER C 372 42.12 -7.75 -10.79
N LEU C 373 40.94 -7.52 -10.23
CA LEU C 373 40.81 -7.07 -8.86
C LEU C 373 40.37 -8.23 -7.97
N PHE C 374 41.07 -8.42 -6.85
CA PHE C 374 40.88 -9.58 -6.01
C PHE C 374 39.53 -9.55 -5.28
N CYS C 375 39.33 -8.53 -4.45
CA CYS C 375 38.16 -8.51 -3.57
C CYS C 375 37.58 -7.11 -3.53
N ARG C 376 36.42 -6.98 -2.90
CA ARG C 376 35.68 -5.71 -2.88
C ARG C 376 36.56 -4.55 -2.46
N TRP C 377 37.32 -4.72 -1.39
CA TRP C 377 38.07 -3.63 -0.80
C TRP C 377 39.29 -3.24 -1.62
N SER C 378 39.37 -3.72 -2.85
CA SER C 378 40.37 -3.27 -3.81
C SER C 378 39.71 -2.63 -5.02
N TYR C 379 38.39 -2.48 -5.00
CA TYR C 379 37.64 -1.78 -6.03
C TYR C 379 37.58 -0.32 -5.65
N THR C 380 38.10 0.56 -6.51
CA THR C 380 38.12 1.98 -6.25
C THR C 380 37.16 2.75 -7.15
N SER C 381 36.12 2.09 -7.64
CA SER C 381 35.14 2.76 -8.50
C SER C 381 33.88 1.92 -8.57
N ILE C 382 32.78 2.59 -8.89
CA ILE C 382 31.52 1.94 -9.25
C ILE C 382 31.25 2.28 -10.71
N GLU C 383 31.04 1.25 -11.52
CA GLU C 383 30.77 1.45 -12.94
C GLU C 383 29.48 0.79 -13.39
N LYS C 384 28.46 1.60 -13.65
CA LYS C 384 27.17 1.09 -14.10
C LYS C 384 27.23 0.76 -15.58
N TYR C 385 26.65 -0.37 -15.96
CA TYR C 385 26.65 -0.79 -17.36
C TYR C 385 26.02 0.28 -18.24
N ASP C 386 26.25 0.22 -19.55
CA ASP C 386 25.72 1.21 -20.46
C ASP C 386 25.16 0.54 -21.71
N ILE C 387 23.84 0.53 -21.85
CA ILE C 387 23.21 -0.13 -23.00
C ILE C 387 23.63 0.54 -24.30
N SER C 388 23.63 1.87 -24.33
CA SER C 388 23.73 2.60 -25.59
C SER C 388 25.05 2.35 -26.30
N LYS C 389 26.17 2.53 -25.60
CA LYS C 389 27.47 2.40 -26.24
C LYS C 389 27.77 0.95 -26.59
N SER C 390 27.54 0.04 -25.65
CA SER C 390 28.10 -1.30 -25.71
C SER C 390 27.52 -2.15 -26.82
N ASP C 391 26.40 -1.79 -27.42
CA ASP C 391 25.75 -2.69 -28.36
C ASP C 391 26.63 -2.87 -29.60
N PRO C 392 26.65 -4.09 -30.16
CA PRO C 392 27.38 -4.30 -31.40
C PRO C 392 26.84 -3.45 -32.53
N LEU C 393 25.54 -3.20 -32.48
CA LEU C 393 24.85 -2.43 -33.51
C LEU C 393 24.92 -0.97 -33.13
N ALA C 394 26.13 -0.42 -33.15
CA ALA C 394 26.40 0.90 -32.59
C ALA C 394 25.93 1.98 -33.57
N ALA C 395 26.33 3.22 -33.30
CA ALA C 395 25.97 4.38 -34.10
C ALA C 395 27.08 4.73 -35.09
N ASP C 396 27.75 3.71 -35.62
CA ASP C 396 28.87 3.88 -36.55
C ASP C 396 29.99 4.68 -35.91
N SER C 397 30.58 4.13 -34.85
CA SER C 397 31.69 4.77 -34.14
C SER C 397 33.03 4.57 -34.81
N ASN C 398 33.10 3.73 -35.84
CA ASN C 398 34.35 3.51 -36.56
C ASN C 398 34.07 2.98 -37.97
N MET D 22 16.40 -17.51 -52.43
CA MET D 22 16.57 -17.62 -53.87
C MET D 22 16.23 -16.28 -54.55
N ARG D 23 15.32 -15.54 -53.93
CA ARG D 23 14.88 -14.24 -54.44
C ARG D 23 14.47 -13.38 -53.25
N SER D 24 14.14 -12.13 -53.53
CA SER D 24 13.78 -11.19 -52.48
C SER D 24 12.37 -11.45 -51.97
N SER D 25 12.09 -10.97 -50.77
CA SER D 25 10.78 -11.08 -50.14
C SER D 25 10.62 -10.01 -49.08
N LEU D 26 9.41 -9.50 -48.90
CA LEU D 26 9.17 -8.39 -47.99
C LEU D 26 9.57 -8.76 -46.56
N LEU D 27 8.92 -9.79 -45.99
CA LEU D 27 9.28 -10.34 -44.69
C LEU D 27 9.51 -9.25 -43.64
N THR D 28 8.46 -8.51 -43.28
CA THR D 28 8.57 -7.42 -42.32
C THR D 28 8.94 -7.99 -40.95
N LEU D 29 9.97 -7.41 -40.31
CA LEU D 29 10.52 -7.88 -39.05
C LEU D 29 10.65 -6.75 -38.04
N PRO D 30 10.52 -7.02 -36.75
CA PRO D 30 10.62 -5.97 -35.75
C PRO D 30 12.07 -5.57 -35.54
N LYS D 31 12.26 -4.40 -34.95
CA LYS D 31 13.60 -3.92 -34.61
C LYS D 31 13.65 -3.56 -33.13
N SER D 32 12.96 -4.36 -32.31
CA SER D 32 12.94 -4.22 -30.86
C SER D 32 12.14 -5.38 -30.30
N PHE D 33 12.35 -5.64 -29.01
CA PHE D 33 11.56 -6.63 -28.29
C PHE D 33 10.49 -5.89 -27.50
N LEU D 34 9.28 -5.85 -28.04
CA LEU D 34 8.15 -5.14 -27.45
C LEU D 34 8.48 -3.64 -27.31
N GLY D 35 9.26 -3.15 -28.27
CA GLY D 35 9.54 -1.73 -28.35
C GLY D 35 10.63 -1.22 -27.43
N PHE D 36 10.75 -1.80 -26.25
CA PHE D 36 11.50 -1.18 -25.15
C PHE D 36 12.91 -1.75 -24.96
N MET D 37 13.54 -2.26 -26.03
CA MET D 37 14.82 -2.91 -25.80
C MET D 37 15.54 -3.19 -27.11
N PRO D 38 16.87 -3.04 -27.15
CA PRO D 38 17.60 -3.25 -28.40
C PRO D 38 17.67 -4.72 -28.77
N LEU D 39 18.06 -4.96 -30.03
CA LEU D 39 18.00 -6.30 -30.58
C LEU D 39 18.98 -7.25 -29.91
N TYR D 40 20.23 -6.84 -29.68
CA TYR D 40 21.24 -7.80 -29.24
C TYR D 40 20.94 -8.33 -27.83
N LEU D 41 20.48 -7.46 -26.95
CA LEU D 41 20.11 -7.92 -25.62
C LEU D 41 18.98 -8.92 -25.68
N ALA D 42 17.96 -8.63 -26.50
CA ALA D 42 16.89 -9.57 -26.75
C ALA D 42 17.40 -10.85 -27.35
N VAL D 43 18.45 -10.77 -28.18
CA VAL D 43 19.01 -11.97 -28.78
C VAL D 43 19.59 -12.88 -27.73
N GLU D 44 20.31 -12.29 -26.78
CA GLU D 44 20.91 -13.04 -25.69
C GLU D 44 19.82 -13.67 -24.84
N ILE D 45 18.76 -12.91 -24.55
CA ILE D 45 17.65 -13.41 -23.75
C ILE D 45 16.98 -14.57 -24.47
N VAL D 46 16.77 -14.44 -25.78
CA VAL D 46 16.14 -15.48 -26.58
C VAL D 46 16.96 -16.76 -26.55
N LEU D 47 18.27 -16.63 -26.77
CA LEU D 47 19.13 -17.81 -26.75
C LEU D 47 19.14 -18.46 -25.39
N GLY D 48 19.21 -17.67 -24.32
CA GLY D 48 19.21 -18.23 -22.99
C GLY D 48 17.90 -18.93 -22.65
N ILE D 49 16.78 -18.35 -23.08
CA ILE D 49 15.50 -18.99 -22.86
C ILE D 49 15.44 -20.31 -23.61
N SER D 50 15.99 -20.35 -24.82
CA SER D 50 15.94 -21.58 -25.61
C SER D 50 16.82 -22.67 -25.03
N ILE D 51 18.04 -22.32 -24.59
CA ILE D 51 18.99 -23.32 -24.08
C ILE D 51 18.41 -24.09 -22.90
N LEU D 52 17.78 -23.37 -21.97
CA LEU D 52 17.16 -24.07 -20.85
C LEU D 52 16.23 -25.14 -21.36
N ASN D 53 15.30 -24.81 -22.26
CA ASN D 53 14.27 -25.75 -22.64
C ASN D 53 14.82 -26.97 -23.39
N LYS D 54 16.13 -27.01 -23.67
CA LYS D 54 16.76 -28.20 -24.22
C LYS D 54 17.56 -28.96 -23.17
N CYS D 55 17.83 -28.31 -22.03
CA CYS D 55 18.21 -29.11 -20.86
C CYS D 55 17.22 -30.25 -20.60
N SER D 56 15.95 -30.09 -21.00
CA SER D 56 14.98 -31.17 -20.87
C SER D 56 15.34 -32.37 -21.73
N GLY D 57 15.83 -32.12 -22.94
CA GLY D 57 16.34 -33.22 -23.75
C GLY D 57 17.50 -33.91 -23.08
N ALA D 58 18.39 -33.12 -22.46
CA ALA D 58 19.47 -33.74 -21.68
C ALA D 58 18.92 -34.71 -20.64
N TYR D 59 17.86 -34.31 -19.94
CA TYR D 59 17.28 -35.24 -18.96
C TYR D 59 16.59 -36.44 -19.62
N GLY D 60 16.14 -36.32 -20.85
CA GLY D 60 15.69 -37.52 -21.56
C GLY D 60 16.83 -38.51 -21.78
N ILE D 61 17.97 -38.02 -22.23
CA ILE D 61 19.09 -38.95 -22.34
C ILE D 61 19.46 -39.53 -20.97
N LEU D 62 19.13 -38.83 -19.88
CA LEU D 62 19.17 -39.53 -18.58
C LEU D 62 18.09 -40.61 -18.45
N ALA D 63 16.92 -40.40 -19.07
CA ALA D 63 15.91 -41.45 -19.08
C ALA D 63 16.47 -42.72 -19.69
N LEU D 64 17.46 -42.57 -20.55
CA LEU D 64 18.19 -43.73 -21.06
C LEU D 64 18.68 -44.61 -19.91
N PHE D 65 19.39 -44.01 -18.96
CA PHE D 65 19.97 -44.75 -17.85
C PHE D 65 18.95 -45.19 -16.82
N THR D 66 17.98 -44.33 -16.48
CA THR D 66 17.13 -44.62 -15.34
C THR D 66 16.34 -45.91 -15.51
N GLY D 67 15.82 -46.14 -16.70
CA GLY D 67 15.07 -47.36 -16.95
C GLY D 67 13.76 -47.14 -17.68
N HIS D 68 13.29 -45.89 -17.69
CA HIS D 68 12.03 -45.56 -18.33
C HIS D 68 12.13 -45.84 -19.82
N PRO D 69 11.21 -46.59 -20.40
CA PRO D 69 11.32 -46.89 -21.83
C PRO D 69 10.78 -45.78 -22.71
N LEU D 70 11.64 -45.16 -23.49
CA LEU D 70 11.24 -44.14 -24.44
C LEU D 70 10.88 -44.80 -25.77
N ASP D 71 10.30 -44.01 -26.67
CA ASP D 71 10.09 -44.45 -28.04
C ASP D 71 10.74 -43.47 -29.00
N PHE D 72 10.80 -43.87 -30.27
CA PHE D 72 11.63 -43.22 -31.28
C PHE D 72 11.33 -41.74 -31.40
N MET D 73 10.07 -41.34 -31.26
CA MET D 73 9.74 -39.93 -31.39
C MET D 73 10.36 -39.11 -30.27
N GLN D 74 10.25 -39.58 -29.03
CA GLN D 74 10.89 -38.86 -27.94
C GLN D 74 12.40 -38.86 -28.08
N TRP D 75 12.98 -39.97 -28.56
CA TRP D 75 14.41 -39.99 -28.80
C TRP D 75 14.81 -38.91 -29.80
N ILE D 76 14.04 -38.80 -30.88
CA ILE D 76 14.33 -37.79 -31.89
C ILE D 76 14.25 -36.39 -31.29
N ALA D 77 13.20 -36.14 -30.53
CA ALA D 77 13.03 -34.83 -29.90
C ALA D 77 14.21 -34.50 -29.00
N TYR D 78 14.64 -35.46 -28.19
CA TYR D 78 15.69 -35.20 -27.21
C TYR D 78 17.04 -35.01 -27.88
N LEU D 79 17.38 -35.85 -28.85
CA LEU D 79 18.66 -35.68 -29.54
C LEU D 79 18.70 -34.40 -30.35
N TRP D 80 17.60 -34.05 -31.02
CA TRP D 80 17.52 -32.77 -31.69
C TRP D 80 17.65 -31.62 -30.70
N SER D 81 17.07 -31.78 -29.52
CA SER D 81 17.20 -30.78 -28.47
C SER D 81 18.67 -30.57 -28.11
N VAL D 82 19.40 -31.66 -27.89
CA VAL D 82 20.82 -31.51 -27.52
C VAL D 82 21.61 -30.86 -28.66
N PHE D 83 21.34 -31.31 -29.89
CA PHE D 83 22.02 -30.77 -31.06
C PHE D 83 21.90 -29.25 -31.08
N THR D 84 20.66 -28.77 -31.10
CA THR D 84 20.42 -27.33 -31.11
C THR D 84 20.94 -26.68 -29.84
N LEU D 85 21.09 -27.46 -28.76
CA LEU D 85 21.62 -26.90 -27.52
C LEU D 85 23.09 -26.51 -27.68
N ILE D 86 23.90 -27.39 -28.28
CA ILE D 86 25.28 -27.00 -28.55
C ILE D 86 25.35 -25.79 -29.48
N VAL D 87 24.55 -25.81 -30.56
CA VAL D 87 24.64 -24.69 -31.50
C VAL D 87 24.25 -23.37 -30.83
N PHE D 88 23.14 -23.35 -30.11
CA PHE D 88 22.71 -22.13 -29.46
C PHE D 88 23.64 -21.76 -28.32
N SER D 89 24.39 -22.71 -27.79
CA SER D 89 25.42 -22.37 -26.83
C SER D 89 26.52 -21.55 -27.48
N GLN D 90 26.95 -21.95 -28.69
CA GLN D 90 27.86 -21.08 -29.44
C GLN D 90 27.28 -19.69 -29.58
N GLY D 91 26.00 -19.62 -29.91
CA GLY D 91 25.36 -18.32 -30.04
C GLY D 91 25.46 -17.49 -28.78
N LEU D 92 25.17 -18.10 -27.64
CA LEU D 92 25.21 -17.36 -26.38
C LEU D 92 26.62 -16.91 -26.04
N TYR D 93 27.63 -17.67 -26.48
CA TYR D 93 29.00 -17.19 -26.32
C TYR D 93 29.30 -15.96 -27.17
N LEU D 94 28.81 -15.91 -28.40
CA LEU D 94 29.20 -14.82 -29.29
C LEU D 94 28.25 -13.63 -29.30
N ILE D 95 27.52 -13.38 -28.21
CA ILE D 95 26.52 -12.33 -28.19
C ILE D 95 27.11 -10.95 -28.38
N HIS D 96 28.11 -10.61 -27.57
CA HIS D 96 28.61 -9.23 -27.52
C HIS D 96 29.53 -8.89 -28.67
N LYS D 97 30.02 -9.91 -29.39
CA LYS D 97 30.87 -9.71 -30.55
C LYS D 97 30.30 -10.59 -31.67
N PRO D 98 29.56 -9.98 -32.61
CA PRO D 98 28.94 -10.84 -33.63
C PRO D 98 29.93 -11.53 -34.55
N ASN D 99 29.40 -12.50 -35.30
CA ASN D 99 30.13 -13.21 -36.33
C ASN D 99 29.10 -13.76 -37.29
N LEU D 100 29.03 -13.21 -38.50
CA LEU D 100 27.85 -13.38 -39.33
C LEU D 100 27.60 -14.82 -39.75
N LEU D 101 28.66 -15.60 -39.97
CA LEU D 101 28.48 -17.04 -40.17
C LEU D 101 27.70 -17.66 -39.02
N VAL D 102 28.16 -17.42 -37.80
CA VAL D 102 27.58 -18.08 -36.63
C VAL D 102 26.12 -17.73 -36.50
N PHE D 103 25.79 -16.44 -36.60
CA PHE D 103 24.43 -16.03 -36.34
C PHE D 103 23.51 -16.35 -37.50
N SER D 104 24.02 -16.41 -38.73
CA SER D 104 23.19 -16.91 -39.82
C SER D 104 22.86 -18.39 -39.60
N GLN D 105 23.86 -19.20 -39.24
CA GLN D 105 23.60 -20.59 -38.91
C GLN D 105 22.53 -20.68 -37.82
N ILE D 106 22.67 -19.86 -36.79
CA ILE D 106 21.73 -19.89 -35.68
C ILE D 106 20.33 -19.53 -36.15
N CYS D 107 20.20 -18.50 -36.97
CA CYS D 107 18.88 -18.06 -37.40
C CYS D 107 18.18 -19.16 -38.20
N VAL D 108 18.86 -19.74 -39.18
CA VAL D 108 18.17 -20.74 -39.99
C VAL D 108 17.91 -22.02 -39.19
N LEU D 109 18.88 -22.42 -38.35
CA LEU D 109 18.67 -23.61 -37.53
C LEU D 109 17.52 -23.39 -36.55
N TYR D 110 17.35 -22.15 -36.09
CA TYR D 110 16.26 -21.85 -35.18
C TYR D 110 14.93 -21.89 -35.90
N THR D 111 14.89 -21.47 -37.17
CA THR D 111 13.64 -21.60 -37.92
C THR D 111 13.27 -23.05 -38.17
N ILE D 112 14.25 -23.89 -38.54
CA ILE D 112 13.96 -25.31 -38.67
C ILE D 112 13.49 -25.89 -37.35
N ASP D 113 14.11 -25.47 -36.25
CA ASP D 113 13.68 -25.95 -34.94
C ASP D 113 12.27 -25.45 -34.61
N THR D 114 11.90 -24.28 -35.11
CA THR D 114 10.53 -23.82 -34.90
C THR D 114 9.52 -24.70 -35.61
N ILE D 115 9.80 -25.06 -36.86
CA ILE D 115 8.91 -26.00 -37.54
C ILE D 115 8.86 -27.34 -36.82
N SER D 116 10.00 -27.85 -36.38
CA SER D 116 10.01 -29.09 -35.61
C SER D 116 9.25 -28.96 -34.30
N THR D 117 9.34 -27.81 -33.63
CA THR D 117 8.59 -27.59 -32.40
C THR D 117 7.09 -27.65 -32.67
N CYS D 118 6.65 -27.03 -33.76
CA CYS D 118 5.23 -27.12 -34.08
C CYS D 118 4.81 -28.56 -34.33
N PHE D 119 5.61 -29.30 -35.10
CA PHE D 119 5.28 -30.70 -35.36
C PHE D 119 5.22 -31.49 -34.06
N PHE D 120 6.20 -31.31 -33.18
CA PHE D 120 6.28 -32.11 -31.97
C PHE D 120 5.18 -31.74 -30.98
N THR D 121 4.82 -30.45 -30.92
CA THR D 121 3.73 -30.07 -30.05
C THR D 121 2.42 -30.70 -30.51
N LEU D 122 2.16 -30.69 -31.83
CA LEU D 122 0.98 -31.40 -32.30
C LEU D 122 1.05 -32.89 -31.99
N TRP D 123 2.22 -33.50 -32.22
CA TRP D 123 2.36 -34.93 -31.97
C TRP D 123 2.07 -35.27 -30.53
N PHE D 124 2.65 -34.52 -29.59
CA PHE D 124 2.52 -34.86 -28.17
C PHE D 124 1.17 -34.48 -27.60
N THR D 125 0.54 -33.40 -28.07
CA THR D 125 -0.83 -33.14 -27.68
C THR D 125 -1.75 -34.27 -28.11
N THR D 126 -1.58 -34.74 -29.35
CA THR D 126 -2.30 -35.93 -29.79
C THR D 126 -1.98 -37.12 -28.89
N GLN D 127 -0.70 -37.25 -28.55
CA GLN D 127 -0.22 -38.31 -27.69
C GLN D 127 -1.02 -38.39 -26.41
N TRP D 128 -1.10 -37.26 -25.70
CA TRP D 128 -1.80 -37.17 -24.43
C TRP D 128 -3.33 -37.25 -24.49
N PHE D 129 -3.93 -36.74 -25.56
CA PHE D 129 -5.39 -36.78 -25.62
C PHE D 129 -5.88 -38.11 -26.15
N THR D 130 -5.00 -38.89 -26.78
CA THR D 130 -5.30 -40.29 -27.04
C THR D 130 -5.08 -41.13 -25.79
N LEU D 131 -4.06 -40.81 -25.00
CA LEU D 131 -3.72 -41.59 -23.82
C LEU D 131 -4.37 -41.04 -22.55
N GLU D 132 -5.43 -40.23 -22.69
CA GLU D 132 -6.22 -39.74 -21.56
C GLU D 132 -7.45 -38.99 -22.06
N GLY D 157 -18.93 -30.11 1.18
CA GLY D 157 -19.60 -30.56 -0.02
C GLY D 157 -19.66 -29.48 -1.10
N ILE D 158 -20.40 -28.42 -0.82
CA ILE D 158 -20.49 -27.31 -1.78
C ILE D 158 -19.17 -26.58 -1.88
N ASP D 159 -18.56 -26.26 -0.73
CA ASP D 159 -17.27 -25.59 -0.75
C ASP D 159 -16.21 -26.47 -1.40
N ILE D 160 -16.14 -27.74 -1.01
CA ILE D 160 -15.19 -28.65 -1.63
C ILE D 160 -15.45 -28.77 -3.13
N SER D 161 -16.72 -28.67 -3.54
CA SER D 161 -17.02 -28.65 -4.96
C SER D 161 -16.41 -27.42 -5.63
N LYS D 162 -16.46 -26.27 -4.96
CA LYS D 162 -15.90 -25.05 -5.52
C LYS D 162 -14.37 -25.07 -5.56
N GLN D 163 -13.72 -25.75 -4.62
CA GLN D 163 -12.26 -25.63 -4.48
C GLN D 163 -11.52 -26.32 -5.62
N SER D 164 -12.21 -27.15 -6.39
CA SER D 164 -11.55 -27.89 -7.46
C SER D 164 -11.90 -27.27 -8.81
N ALA D 165 -10.89 -27.04 -9.64
CA ALA D 165 -11.06 -26.34 -10.90
C ALA D 165 -11.96 -27.10 -11.87
N THR D 166 -12.76 -26.37 -12.64
CA THR D 166 -13.64 -26.98 -13.62
C THR D 166 -12.82 -27.47 -14.81
N GLU D 167 -13.27 -28.58 -15.42
CA GLU D 167 -12.54 -29.15 -16.55
C GLU D 167 -12.35 -28.14 -17.67
N SER D 168 -13.36 -27.30 -17.91
CA SER D 168 -13.21 -26.22 -18.88
C SER D 168 -12.07 -25.29 -18.50
N TYR D 169 -11.93 -24.96 -17.22
CA TYR D 169 -10.84 -24.11 -16.78
C TYR D 169 -9.49 -24.75 -17.02
N GLU D 170 -9.37 -26.05 -16.74
CA GLU D 170 -8.11 -26.74 -16.94
C GLU D 170 -7.74 -26.79 -18.42
N TYR D 171 -8.70 -27.11 -19.29
CA TYR D 171 -8.41 -27.10 -20.72
C TYR D 171 -8.07 -25.70 -21.21
N THR D 172 -8.76 -24.68 -20.69
CA THR D 172 -8.46 -23.30 -21.07
C THR D 172 -7.04 -22.94 -20.71
N MET D 173 -6.61 -23.28 -19.49
CA MET D 173 -5.26 -22.98 -19.07
C MET D 173 -4.24 -23.74 -19.89
N THR D 174 -4.51 -25.01 -20.18
CA THR D 174 -3.60 -25.79 -21.02
C THR D 174 -3.40 -25.12 -22.37
N ILE D 175 -4.50 -24.76 -23.03
CA ILE D 175 -4.42 -24.13 -24.34
C ILE D 175 -3.74 -22.77 -24.24
N LEU D 176 -4.04 -22.01 -23.19
CA LEU D 176 -3.40 -20.71 -23.03
C LEU D 176 -1.89 -20.85 -22.91
N ILE D 177 -1.43 -21.77 -22.06
CA ILE D 177 0.00 -21.89 -21.85
C ILE D 177 0.71 -22.44 -23.08
N THR D 178 0.12 -23.43 -23.76
CA THR D 178 0.72 -23.90 -25.01
C THR D 178 0.79 -22.81 -26.07
N LEU D 179 -0.30 -22.08 -26.29
CA LEU D 179 -0.26 -21.05 -27.32
C LEU D 179 0.66 -19.90 -26.95
N VAL D 180 0.70 -19.51 -25.67
CA VAL D 180 1.63 -18.46 -25.29
C VAL D 180 3.06 -18.85 -25.64
N SER D 181 3.42 -20.10 -25.39
CA SER D 181 4.73 -20.59 -25.79
C SER D 181 4.91 -20.54 -27.29
N LEU D 182 3.89 -20.89 -28.07
CA LEU D 182 4.06 -20.91 -29.52
C LEU D 182 4.22 -19.49 -30.09
N ILE D 183 3.37 -18.55 -29.68
CA ILE D 183 3.55 -17.17 -30.13
C ILE D 183 4.88 -16.59 -29.68
N PHE D 184 5.29 -16.89 -28.44
CA PHE D 184 6.60 -16.39 -28.03
C PHE D 184 7.71 -17.03 -28.84
N ARG D 185 7.56 -18.30 -29.24
CA ARG D 185 8.54 -18.91 -30.13
C ARG D 185 8.63 -18.16 -31.45
N PHE D 186 7.48 -17.86 -32.05
CA PHE D 186 7.49 -17.18 -33.34
C PHE D 186 8.08 -15.77 -33.21
N TYR D 187 7.76 -15.08 -32.12
CA TYR D 187 8.33 -13.75 -31.91
C TYR D 187 9.84 -13.84 -31.73
N PHE D 188 10.32 -14.82 -30.97
CA PHE D 188 11.76 -15.00 -30.85
C PHE D 188 12.39 -15.26 -32.21
N ASN D 189 11.71 -16.06 -33.05
CA ASN D 189 12.25 -16.37 -34.36
C ASN D 189 12.36 -15.10 -35.20
N PHE D 190 11.36 -14.24 -35.14
CA PHE D 190 11.43 -12.98 -35.89
C PHE D 190 12.52 -12.07 -35.33
N ILE D 191 12.71 -12.06 -34.01
CA ILE D 191 13.79 -11.27 -33.43
C ILE D 191 15.13 -11.72 -33.97
N LEU D 192 15.36 -13.04 -34.01
CA LEU D 192 16.61 -13.55 -34.54
C LEU D 192 16.77 -13.17 -36.01
N ALA D 193 15.70 -13.30 -36.79
CA ALA D 193 15.78 -12.97 -38.21
C ALA D 193 16.14 -11.51 -38.42
N SER D 194 15.48 -10.61 -37.69
CA SER D 194 15.75 -9.18 -37.84
C SER D 194 17.16 -8.83 -37.39
N PHE D 195 17.61 -9.44 -36.30
CA PHE D 195 18.97 -9.19 -35.85
C PHE D 195 19.95 -9.58 -36.93
N VAL D 196 19.74 -10.73 -37.56
CA VAL D 196 20.65 -11.15 -38.63
C VAL D 196 20.59 -10.18 -39.81
N GLN D 197 19.38 -9.74 -40.15
CA GLN D 197 19.25 -8.80 -41.27
C GLN D 197 20.03 -7.52 -41.02
N GLU D 198 19.87 -6.95 -39.84
CA GLU D 198 20.46 -5.65 -39.58
C GLU D 198 21.94 -5.81 -39.20
N LEU D 199 22.37 -7.03 -38.91
CA LEU D 199 23.80 -7.34 -38.96
C LEU D 199 24.29 -7.34 -40.40
N LEU D 200 23.44 -7.78 -41.32
CA LEU D 200 23.84 -7.82 -42.72
C LEU D 200 24.07 -6.43 -43.26
N HIS D 201 23.10 -5.56 -43.08
CA HIS D 201 23.19 -4.22 -43.61
C HIS D 201 24.06 -3.39 -42.74
N HIS D 202 25.35 -3.52 -42.88
CA HIS D 202 26.24 -2.73 -42.06
C HIS D 202 27.59 -2.40 -42.68
N PRO D 203 28.65 -2.87 -42.05
CA PRO D 203 30.04 -2.75 -42.37
C PRO D 203 30.71 -4.02 -41.91
N LYS D 204 31.42 -3.92 -40.79
CA LYS D 204 32.20 -4.95 -40.14
C LYS D 204 31.66 -6.34 -40.23
N TYR D 205 30.62 -6.61 -39.49
CA TYR D 205 29.95 -7.91 -39.48
C TYR D 205 29.48 -8.16 -40.87
N LEU D 206 30.30 -8.90 -41.63
CA LEU D 206 30.10 -9.20 -43.03
C LEU D 206 31.06 -10.30 -43.46
N VAL D 207 30.54 -11.51 -43.48
CA VAL D 207 31.28 -12.71 -43.83
C VAL D 207 32.21 -12.61 -45.05
N ASP D 208 33.46 -12.97 -44.79
CA ASP D 208 34.54 -13.03 -45.77
C ASP D 208 35.75 -13.71 -45.17
N LYS D 219 42.73 -30.39 -40.95
CA LYS D 219 41.57 -30.66 -40.13
C LYS D 219 40.62 -31.63 -40.83
N PRO D 220 39.92 -32.46 -40.05
CA PRO D 220 39.12 -33.55 -40.64
C PRO D 220 37.85 -33.08 -41.32
N ILE D 221 37.00 -34.03 -41.71
CA ILE D 221 35.71 -33.72 -42.32
C ILE D 221 34.89 -32.82 -41.40
N TRP D 222 35.22 -32.83 -40.11
CA TRP D 222 34.56 -32.01 -39.10
C TRP D 222 34.49 -30.54 -39.53
N LYS D 223 35.66 -29.93 -39.70
CA LYS D 223 35.72 -28.49 -39.92
C LYS D 223 35.26 -28.13 -41.33
N ARG D 224 35.65 -28.93 -42.33
CA ARG D 224 35.07 -28.74 -43.67
C ARG D 224 33.54 -28.69 -43.61
N LEU D 225 32.94 -29.70 -42.96
CA LEU D 225 31.49 -29.78 -42.95
C LEU D 225 30.88 -28.60 -42.21
N TRP D 226 31.43 -28.25 -41.05
CA TRP D 226 30.82 -27.17 -40.27
C TRP D 226 30.96 -25.83 -40.97
N ALA D 227 32.14 -25.54 -41.52
CA ALA D 227 32.35 -24.27 -42.21
C ALA D 227 31.58 -24.18 -43.52
N LYS D 228 31.37 -25.31 -44.20
CA LYS D 228 30.53 -25.31 -45.40
C LYS D 228 29.08 -25.10 -45.00
N SER D 229 28.66 -25.68 -43.87
CA SER D 229 27.31 -25.51 -43.36
C SER D 229 27.04 -24.04 -43.08
N GLN D 230 27.96 -23.39 -42.36
CA GLN D 230 27.80 -21.97 -42.09
C GLN D 230 27.81 -21.14 -43.37
N LYS D 231 28.67 -21.46 -44.33
CA LYS D 231 28.71 -20.66 -45.54
C LYS D 231 27.44 -20.80 -46.36
N GLY D 232 26.94 -22.02 -46.53
CA GLY D 232 25.70 -22.22 -47.25
C GLY D 232 24.53 -21.59 -46.52
N CYS D 233 24.51 -21.71 -45.20
CA CYS D 233 23.44 -21.11 -44.41
C CYS D 233 23.47 -19.60 -44.52
N TYR D 234 24.66 -19.00 -44.51
CA TYR D 234 24.78 -17.58 -44.77
C TYR D 234 24.26 -17.22 -46.14
N LYS D 235 24.58 -18.02 -47.15
CA LYS D 235 24.08 -17.74 -48.50
C LYS D 235 22.56 -17.73 -48.50
N LEU D 236 21.97 -18.75 -47.88
CA LEU D 236 20.52 -18.85 -47.78
C LEU D 236 19.93 -17.61 -47.11
N CYS D 237 20.47 -17.26 -45.94
CA CYS D 237 19.92 -16.15 -45.19
C CYS D 237 20.11 -14.83 -45.93
N LYS D 238 21.25 -14.67 -46.60
CA LYS D 238 21.52 -13.46 -47.35
C LYS D 238 20.54 -13.30 -48.50
N ASN D 239 20.24 -14.38 -49.21
CA ASN D 239 19.26 -14.30 -50.29
C ASN D 239 17.87 -14.01 -49.73
N LEU D 240 17.52 -14.63 -48.60
CA LEU D 240 16.21 -14.39 -48.01
C LEU D 240 16.03 -12.96 -47.52
N LEU D 241 17.04 -12.38 -46.88
CA LEU D 241 16.88 -11.14 -46.14
C LEU D 241 17.58 -9.95 -46.77
N GLU D 242 18.32 -10.15 -47.85
CA GLU D 242 19.07 -9.05 -48.46
C GLU D 242 18.79 -8.95 -49.96
N IIL E 1 -28.76 4.43 -0.57
CA IIL E 1 -27.35 4.68 -0.36
C IIL E 1 -27.00 4.57 1.12
O IIL E 1 -27.37 5.40 1.87
CB IIL E 1 -27.08 6.12 -0.77
CG2 IIL E 1 -27.53 6.34 -2.20
CG1 IIL E 1 -25.58 6.40 -0.67
CD1 IIL E 1 -25.27 7.88 -0.68
N MVA E 2 -26.20 3.47 1.62
CN MVA E 2 -25.71 2.45 0.71
CA MVA E 2 -25.88 3.45 3.04
CB MVA E 2 -26.05 2.08 3.67
CG1 MVA E 2 -27.52 1.67 3.65
CG2 MVA E 2 -25.59 2.15 5.12
C MVA E 2 -24.43 3.95 3.19
O MVA E 2 -23.52 3.22 3.07
N LEU E 3 -24.22 5.36 3.47
CA LEU E 3 -22.90 5.94 3.63
C LEU E 3 -23.11 7.12 4.57
CG1 A1L3I E 4 -22.24 10.27 4.82
CB A1L3I E 4 -21.88 9.86 6.24
OG3 A1L3I E 4 -22.43 10.81 7.11
CA A1L3I E 4 -22.42 8.47 6.67
C A1L3I E 4 -23.89 8.54 7.08
O A1L3I E 4 -24.47 9.58 7.13
N A1L3I E 4 -22.24 7.36 5.73
CN A1L3I E 4 -21.17 6.43 6.01
CG2 A1L3I E 4 -20.37 9.88 6.39
C41 A1L3J E 5 -25.92 7.45 7.66
C42 A1L3J E 5 -26.22 6.64 8.92
C43 A1L3J E 5 -26.47 5.16 8.60
C44 A1L3J E 5 -25.20 4.38 8.35
C45 A1L3J E 5 -25.04 6.74 9.88
C A1L3J E 5 -26.71 6.91 6.47
O40 A1L3J E 5 -24.56 7.35 7.37
O A1L3J E 5 -26.18 6.17 5.72
N MVA E 6 -28.10 7.28 6.22
CN MVA E 6 -28.75 8.21 7.14
CA MVA E 6 -28.75 6.69 5.04
CB MVA E 6 -29.58 5.42 5.29
CG1 MVA E 6 -30.77 5.63 6.24
CG2 MVA E 6 -28.72 4.29 5.84
C MVA E 6 -29.59 7.67 4.22
O MVA E 6 -30.39 8.42 4.69
N PHE E 7 -29.43 7.63 2.76
CA PHE E 7 -30.21 8.53 1.91
C PHE E 7 -31.31 7.63 1.28
C1 MEA E 8 -30.92 7.77 -1.29
N MEA E 8 -31.60 7.31 -0.12
CA MEA E 8 -32.74 6.39 -0.30
C MEA E 8 -32.12 4.99 -0.24
O MEA E 8 -32.15 4.44 0.81
CB MEA E 8 -33.52 6.73 -1.56
CG MEA E 8 -34.47 7.93 -1.37
CD1 MEA E 8 -34.03 9.08 -0.72
CE1 MEA E 8 -34.89 10.15 -0.54
CZ MEA E 8 -36.18 10.10 -1.02
CE2 MEA E 8 -36.61 8.97 -1.68
CD2 MEA E 8 -35.75 7.88 -1.85
N PRO E 9 -31.43 4.30 -1.32
CA PRO E 9 -30.77 2.88 -1.21
C PRO E 9 -29.22 3.11 -0.98
N IIL F 1 11.86 -24.50 10.34
CA IIL F 1 11.61 -23.36 9.46
C IIL F 1 10.79 -23.80 8.26
O IIL F 1 11.29 -24.47 7.43
CB IIL F 1 12.96 -22.88 8.93
CG2 IIL F 1 13.88 -22.58 10.09
CG1 IIL F 1 12.74 -21.62 8.10
CD1 IIL F 1 13.94 -21.32 7.22
N MVA F 2 9.41 -23.38 8.09
CN MVA F 2 8.78 -22.53 9.09
CA MVA F 2 8.70 -23.82 6.91
CB MVA F 2 7.29 -24.29 7.18
CG1 MVA F 2 7.31 -25.57 8.04
CG2 MVA F 2 6.62 -24.64 5.86
C MVA F 2 8.69 -22.63 5.93
O MVA F 2 7.87 -21.79 6.01
N LEU F 3 9.72 -22.56 4.92
CA LEU F 3 9.80 -21.48 3.94
C LEU F 3 10.50 -22.10 2.74
CG1 A1L3I F 4 12.86 -21.39 0.60
CB A1L3I F 4 11.81 -21.81 -0.42
OG3 A1L3I F 4 12.42 -22.69 -1.31
CA A1L3I F 4 10.59 -22.53 0.18
C A1L3I F 4 10.88 -24.00 0.47
O A1L3I F 4 11.90 -24.49 0.12
N A1L3I F 4 9.97 -21.92 1.37
CN A1L3I F 4 8.75 -21.17 1.19
CG2 A1L3I F 4 11.37 -20.57 -1.18
C41 A1L3J F 5 10.25 -26.06 1.45
C42 A1L3J F 5 9.12 -26.98 1.00
C43 A1L3J F 5 8.02 -27.09 2.07
C44 A1L3J F 5 7.09 -25.89 2.10
C45 A1L3J F 5 8.50 -26.45 -0.28
C A1L3J F 5 10.48 -26.19 2.96
O40 A1L3J F 5 9.90 -24.74 1.16
O A1L3J F 5 9.97 -25.42 3.68
N MVA F 6 11.33 -27.22 3.53
CN MVA F 6 11.99 -28.15 2.62
CA MVA F 6 11.48 -27.25 4.99
CB MVA F 6 10.52 -28.16 5.77
CG1 MVA F 6 10.49 -29.62 5.28
CG2 MVA F 6 9.09 -27.63 5.72
C MVA F 6 12.90 -27.54 5.49
O MVA F 6 13.54 -28.46 5.13
N PHE F 7 13.46 -26.63 6.50
CA PHE F 7 14.80 -26.84 7.04
C PHE F 7 14.56 -27.51 8.41
C1 MEA F 8 15.69 -25.92 10.16
N MEA F 8 14.96 -27.10 9.76
CA MEA F 8 14.53 -28.02 10.83
C MEA F 8 13.13 -27.55 11.22
O MEA F 8 12.22 -28.12 10.72
CB MEA F 8 15.56 -28.08 11.95
CG MEA F 8 16.77 -28.96 11.61
CD1 MEA F 8 17.35 -28.91 10.34
CE1 MEA F 8 18.45 -29.70 10.04
CZ MEA F 8 18.97 -30.54 10.98
CE2 MEA F 8 18.40 -30.61 12.25
CD2 MEA F 8 17.30 -29.80 12.55
N PRO F 9 12.79 -26.44 12.10
CA PRO F 9 11.33 -25.96 12.44
C PRO F 9 11.03 -24.73 11.50
#